data_8GYX
#
_entry.id   8GYX
#
_cell.length_a   1.00
_cell.length_b   1.00
_cell.length_c   1.00
_cell.angle_alpha   90.00
_cell.angle_beta   90.00
_cell.angle_gamma   90.00
#
_symmetry.space_group_name_H-M   'P 1'
#
loop_
_entity.id
_entity.type
_entity.pdbx_description
1 polymer 'Choline/ethanolaminephosphotransferase 1'
2 non-polymer '(2S)-3-(hexadecanoyloxy)-2-[(9Z)-octadec-9-enoyloxy]propyl 2-(trimethylammonio)ethyl phosphate'
3 non-polymer 'MAGNESIUM ION'
#
_entity_poly.entity_id   1
_entity_poly.type   'polypeptide(L)'
_entity_poly.pdbx_seq_one_letter_code
;TGCVLNKLFQLPTPPLSRHQLKRLEEHRYQSAGRSLLEPLMQGYWEWLVRRVPSWIAPNLITIIGLSINICTTILLVFYC
PTATEQAPLWAYIACACGLFIYQSLDAIDGKQARRTNSSSPLGELFDHGCDSLSTVFVVLGTCIAVQLGTNPDWMFFCCF
AGTFMFYCAHWQTYVSGTLRFGIIDVTEVQIFIIIMHLLAVIGGPPFWQSMIPVLNIQMKIFPALCTVAGTIFSCTNYFR
VIFTGGVGKNGSTIAGTSVLSPFLHIGSVITLAAMIYKKSAVQLFEKHPCLYILTFGFVSAKITNKLVVAHMTKSEMHLH
DTAFIGPALLFLDQYFNSFIDEYIVLWIALVFSFFDLIRYCVSVCNQIASHLHIHVFRIK
;
_entity_poly.pdbx_strand_id   B,A
#
# COMPACT_ATOMS: atom_id res chain seq x y z
N THR A 1 33.37 10.51 3.75
CA THR A 1 32.46 11.00 2.72
C THR A 1 31.93 9.83 1.88
N GLY A 2 32.84 8.93 1.51
CA GLY A 2 32.44 7.75 0.75
C GLY A 2 31.56 6.79 1.52
N CYS A 3 31.77 6.68 2.83
CA CYS A 3 30.93 5.83 3.67
C CYS A 3 29.51 6.38 3.83
N VAL A 4 29.34 7.68 4.03
CA VAL A 4 28.00 8.25 4.16
C VAL A 4 27.22 8.15 2.84
N LEU A 5 27.87 8.44 1.70
CA LEU A 5 27.22 8.35 0.40
C LEU A 5 26.80 6.92 0.07
N ASN A 6 27.67 5.95 0.35
CA ASN A 6 27.35 4.54 0.15
C ASN A 6 26.16 4.08 1.00
N LYS A 7 26.07 4.52 2.26
CA LYS A 7 24.90 4.18 3.06
C LYS A 7 23.61 4.80 2.51
N LEU A 8 23.72 5.98 1.89
CA LEU A 8 22.56 6.67 1.31
C LEU A 8 21.96 6.00 0.07
N PHE A 9 22.76 5.33 -0.75
CA PHE A 9 22.26 4.78 -2.02
C PHE A 9 21.90 3.29 -1.99
N GLN A 10 21.87 2.66 -0.82
CA GLN A 10 21.41 1.28 -0.71
C GLN A 10 20.33 1.17 0.37
N LEU A 11 19.32 0.36 0.06
CA LEU A 11 18.28 0.01 1.01
C LEU A 11 18.84 -0.87 2.13
N PRO A 12 18.35 -0.73 3.36
CA PRO A 12 18.82 -1.57 4.47
C PRO A 12 18.62 -3.07 4.26
N THR A 13 17.57 -3.47 3.55
CA THR A 13 17.49 -4.90 3.31
C THR A 13 17.73 -5.19 1.82
N PRO A 14 18.47 -6.26 1.51
CA PRO A 14 18.70 -6.65 0.10
C PRO A 14 17.39 -6.93 -0.62
N PRO A 15 17.18 -6.31 -1.78
CA PRO A 15 15.90 -6.50 -2.50
C PRO A 15 15.69 -7.90 -3.06
N LEU A 16 16.75 -8.67 -3.36
CA LEU A 16 16.56 -10.02 -3.88
C LEU A 16 17.06 -11.06 -2.89
N SER A 17 16.27 -12.12 -2.70
CA SER A 17 16.73 -13.30 -1.99
C SER A 17 17.73 -14.11 -2.83
N ARG A 18 18.51 -14.93 -2.13
CA ARG A 18 19.45 -15.87 -2.72
C ARG A 18 18.80 -16.85 -3.71
N HIS A 19 17.54 -17.25 -3.47
CA HIS A 19 16.89 -18.20 -4.37
C HIS A 19 16.55 -17.55 -5.72
N GLN A 20 16.10 -16.28 -5.72
CA GLN A 20 15.94 -15.53 -6.97
C GLN A 20 17.29 -15.32 -7.66
N LEU A 21 18.32 -15.01 -6.86
CA LEU A 21 19.69 -14.85 -7.36
C LEU A 21 20.20 -16.09 -8.08
N LYS A 22 20.00 -17.28 -7.50
CA LYS A 22 20.37 -18.53 -8.17
C LYS A 22 19.59 -18.75 -9.47
N ARG A 23 18.28 -18.49 -9.43
CA ARG A 23 17.41 -18.60 -10.61
C ARG A 23 17.77 -17.60 -11.71
N LEU A 24 18.28 -16.42 -11.34
CA LEU A 24 18.74 -15.41 -12.29
C LEU A 24 19.89 -15.92 -13.15
N GLU A 25 20.78 -16.72 -12.58
CA GLU A 25 21.89 -17.33 -13.30
C GLU A 25 21.43 -18.26 -14.43
N GLU A 26 20.26 -18.89 -14.28
CA GLU A 26 19.71 -19.78 -15.30
C GLU A 26 19.04 -19.06 -16.48
N HIS A 27 18.86 -17.74 -16.43
CA HIS A 27 18.22 -17.01 -17.53
C HIS A 27 19.06 -17.07 -18.81
N ARG A 28 18.36 -17.22 -19.94
CA ARG A 28 18.95 -17.23 -21.27
C ARG A 28 18.10 -16.29 -22.13
N TYR A 29 18.75 -15.24 -22.66
CA TYR A 29 18.11 -14.29 -23.59
C TYR A 29 17.51 -14.98 -24.81
N GLN A 30 16.26 -14.64 -25.09
CA GLN A 30 15.51 -15.07 -26.26
C GLN A 30 14.74 -13.90 -26.85
N SER A 31 14.93 -13.62 -28.14
CA SER A 31 14.12 -12.63 -28.83
C SER A 31 13.62 -13.25 -30.14
N ALA A 32 12.47 -12.78 -30.62
CA ALA A 32 11.93 -13.29 -31.88
C ALA A 32 11.26 -12.19 -32.70
N GLY A 33 11.93 -11.73 -33.75
CA GLY A 33 11.38 -10.66 -34.55
C GLY A 33 12.42 -9.77 -35.18
N ARG A 34 11.94 -8.88 -36.03
CA ARG A 34 12.79 -7.96 -36.79
C ARG A 34 11.95 -6.75 -37.15
N SER A 35 12.46 -5.56 -36.83
CA SER A 35 11.84 -4.31 -37.25
C SER A 35 12.14 -4.02 -38.71
N LEU A 36 11.38 -3.09 -39.28
CA LEU A 36 11.41 -2.71 -40.69
C LEU A 36 12.75 -2.10 -41.11
N LEU A 37 13.27 -1.18 -40.30
CA LEU A 37 14.46 -0.41 -40.65
C LEU A 37 15.76 -1.01 -40.10
N GLU A 38 15.66 -1.89 -39.10
CA GLU A 38 16.80 -2.61 -38.53
C GLU A 38 17.78 -3.24 -39.54
N PRO A 39 17.37 -3.96 -40.60
CA PRO A 39 18.39 -4.54 -41.50
C PRO A 39 19.26 -3.50 -42.21
N LEU A 40 18.70 -2.35 -42.56
CA LEU A 40 19.52 -1.28 -43.12
C LEU A 40 20.45 -0.71 -42.06
N MET A 41 19.93 -0.50 -40.85
CA MET A 41 20.74 0.03 -39.74
C MET A 41 21.75 -0.98 -39.21
N GLN A 42 21.49 -2.28 -39.40
CA GLN A 42 22.39 -3.34 -38.94
C GLN A 42 23.80 -3.18 -39.50
N GLY A 43 23.92 -2.83 -40.78
CA GLY A 43 25.21 -2.60 -41.40
C GLY A 43 26.00 -1.47 -40.77
N TYR A 44 25.31 -0.38 -40.41
CA TYR A 44 25.95 0.72 -39.70
C TYR A 44 26.39 0.31 -38.29
N TRP A 45 25.50 -0.35 -37.54
CA TRP A 45 25.85 -0.75 -36.18
C TRP A 45 26.92 -1.85 -36.14
N GLU A 46 26.92 -2.77 -37.11
CA GLU A 46 28.01 -3.74 -37.23
C GLU A 46 29.34 -3.09 -37.57
N TRP A 47 29.32 -2.08 -38.45
CA TRP A 47 30.53 -1.29 -38.71
C TRP A 47 30.98 -0.53 -37.45
N LEU A 48 30.05 0.10 -36.74
CA LEU A 48 30.37 0.94 -35.59
C LEU A 48 31.00 0.14 -34.44
N VAL A 49 30.40 -1.00 -34.09
CA VAL A 49 30.90 -1.86 -33.01
C VAL A 49 32.33 -2.35 -33.26
N ARG A 50 32.72 -2.59 -34.52
CA ARG A 50 34.10 -2.99 -34.81
C ARG A 50 35.12 -1.89 -34.52
N ARG A 51 34.69 -0.62 -34.56
CA ARG A 51 35.59 0.47 -34.22
C ARG A 51 35.78 0.68 -32.72
N VAL A 52 34.87 0.18 -31.90
CA VAL A 52 35.00 0.29 -30.45
C VAL A 52 36.11 -0.64 -29.93
N PRO A 53 37.09 -0.10 -29.19
CA PRO A 53 38.08 -0.93 -28.51
C PRO A 53 37.46 -1.94 -27.53
N SER A 54 38.08 -3.10 -27.45
CA SER A 54 37.59 -4.22 -26.64
C SER A 54 37.60 -3.98 -25.13
N TRP A 55 38.33 -2.98 -24.60
CA TRP A 55 38.30 -2.76 -23.16
C TRP A 55 37.08 -1.99 -22.61
N ILE A 56 36.27 -1.33 -23.43
CA ILE A 56 35.09 -0.66 -22.89
C ILE A 56 34.01 -1.68 -22.55
N ALA A 57 33.62 -1.72 -21.28
CA ALA A 57 32.56 -2.58 -20.79
C ALA A 57 31.19 -2.14 -21.32
N PRO A 58 30.29 -3.11 -21.60
CA PRO A 58 28.91 -2.77 -22.01
C PRO A 58 28.13 -1.78 -21.16
N ASN A 59 28.06 -2.01 -19.84
CA ASN A 59 27.29 -1.10 -18.97
C ASN A 59 27.85 0.32 -18.95
N LEU A 60 29.14 0.48 -19.22
CA LEU A 60 29.72 1.81 -19.38
C LEU A 60 29.30 2.48 -20.69
N ILE A 61 29.15 1.71 -21.77
CA ILE A 61 28.66 2.23 -23.06
C ILE A 61 27.24 2.78 -22.98
N THR A 62 26.29 2.01 -22.42
CA THR A 62 24.90 2.46 -22.28
C THR A 62 24.78 3.75 -21.48
N ILE A 63 25.47 3.83 -20.33
CA ILE A 63 25.38 4.97 -19.43
C ILE A 63 25.98 6.24 -20.05
N ILE A 64 26.96 6.12 -20.95
CA ILE A 64 27.45 7.30 -21.68
C ILE A 64 26.35 7.85 -22.58
N GLY A 65 25.67 6.95 -23.30
CA GLY A 65 24.50 7.33 -24.09
C GLY A 65 23.43 8.03 -23.30
N LEU A 66 22.95 7.40 -22.21
CA LEU A 66 21.94 7.98 -21.33
C LEU A 66 22.33 9.35 -20.79
N SER A 67 23.58 9.51 -20.34
CA SER A 67 24.06 10.79 -19.82
C SER A 67 24.00 11.89 -20.88
N ILE A 68 24.36 11.56 -22.12
CA ILE A 68 24.25 12.52 -23.22
C ILE A 68 22.79 12.89 -23.47
N ASN A 69 21.93 11.87 -23.49
CA ASN A 69 20.49 12.07 -23.68
C ASN A 69 19.87 12.89 -22.55
N ILE A 70 20.19 12.56 -21.30
CA ILE A 70 19.70 13.31 -20.13
C ILE A 70 20.13 14.77 -20.18
N CYS A 71 21.42 15.03 -20.39
CA CYS A 71 21.96 16.40 -20.37
C CYS A 71 21.33 17.29 -21.44
N THR A 72 21.15 16.78 -22.65
CA THR A 72 20.55 17.57 -23.72
C THR A 72 19.07 17.86 -23.48
N THR A 73 18.31 16.85 -23.01
CA THR A 73 16.91 17.08 -22.66
C THR A 73 16.73 18.00 -21.45
N ILE A 74 17.56 17.84 -20.40
CA ILE A 74 17.47 18.70 -19.22
C ILE A 74 17.80 20.15 -19.58
N LEU A 75 18.78 20.37 -20.45
CA LEU A 75 19.07 21.70 -20.99
C LEU A 75 17.86 22.26 -21.75
N LEU A 76 17.20 21.42 -22.55
CA LEU A 76 15.99 21.82 -23.25
C LEU A 76 14.84 22.15 -22.30
N VAL A 77 14.68 21.33 -21.24
CA VAL A 77 13.69 21.63 -20.19
C VAL A 77 14.03 22.95 -19.48
N PHE A 78 15.31 23.22 -19.28
CA PHE A 78 15.76 24.48 -18.68
C PHE A 78 15.37 25.69 -19.51
N TYR A 79 15.48 25.58 -20.84
CA TYR A 79 15.06 26.67 -21.70
C TYR A 79 13.54 26.77 -21.87
N CYS A 80 12.82 25.66 -21.81
CA CYS A 80 11.38 25.64 -22.10
C CYS A 80 10.58 24.93 -21.02
N PRO A 81 10.55 25.46 -19.78
CA PRO A 81 9.89 24.73 -18.68
C PRO A 81 8.39 24.56 -18.82
N THR A 82 7.69 25.44 -19.56
CA THR A 82 6.27 25.28 -19.79
C THR A 82 5.95 24.64 -21.13
N ALA A 83 6.97 24.29 -21.93
CA ALA A 83 6.85 23.81 -23.32
C ALA A 83 6.07 24.76 -24.22
N THR A 84 6.06 26.07 -23.93
CA THR A 84 5.42 27.03 -24.81
C THR A 84 6.43 27.95 -25.49
N GLU A 85 7.63 28.12 -24.93
CA GLU A 85 8.62 29.02 -25.50
C GLU A 85 9.24 28.40 -26.75
N GLN A 86 10.00 29.21 -27.48
CA GLN A 86 10.82 28.70 -28.57
C GLN A 86 12.27 28.72 -28.10
N ALA A 87 12.90 27.57 -28.10
CA ALA A 87 14.32 27.45 -27.81
C ALA A 87 15.15 27.87 -29.03
N PRO A 88 16.41 28.28 -28.80
CA PRO A 88 17.36 28.37 -29.91
C PRO A 88 17.47 27.07 -30.70
N LEU A 89 17.60 27.22 -32.02
CA LEU A 89 17.59 26.11 -32.98
C LEU A 89 18.63 25.03 -32.67
N TRP A 90 19.81 25.46 -32.18
CA TRP A 90 20.88 24.52 -31.83
C TRP A 90 20.51 23.57 -30.69
N ALA A 91 19.57 23.96 -29.82
CA ALA A 91 19.15 23.05 -28.75
C ALA A 91 18.39 21.84 -29.30
N TYR A 92 17.52 22.05 -30.28
CA TYR A 92 16.86 20.93 -30.96
C TYR A 92 17.86 20.07 -31.73
N ILE A 93 18.85 20.71 -32.37
CA ILE A 93 19.93 19.98 -33.03
C ILE A 93 20.72 19.15 -32.03
N ALA A 94 21.03 19.73 -30.86
CA ALA A 94 21.75 19.01 -29.81
C ALA A 94 20.96 17.79 -29.31
N CYS A 95 19.64 17.96 -29.12
CA CYS A 95 18.79 16.82 -28.80
C CYS A 95 18.73 15.81 -29.93
N ALA A 96 18.64 16.28 -31.18
CA ALA A 96 18.65 15.39 -32.35
C ALA A 96 19.96 14.61 -32.44
N CYS A 97 21.09 15.30 -32.31
CA CYS A 97 22.38 14.63 -32.30
C CYS A 97 22.53 13.74 -31.08
N GLY A 98 22.08 14.20 -29.91
CA GLY A 98 22.17 13.42 -28.69
C GLY A 98 21.40 12.11 -28.75
N LEU A 99 20.18 12.14 -29.29
CA LEU A 99 19.38 10.94 -29.46
C LEU A 99 19.99 9.99 -30.50
N PHE A 100 20.55 10.55 -31.58
CA PHE A 100 21.26 9.74 -32.57
C PHE A 100 22.48 9.03 -31.97
N ILE A 101 23.24 9.73 -31.12
CA ILE A 101 24.36 9.11 -30.41
C ILE A 101 23.87 8.03 -29.47
N TYR A 102 22.82 8.32 -28.70
CA TYR A 102 22.16 7.34 -27.81
C TYR A 102 21.78 6.05 -28.53
N GLN A 103 20.96 6.17 -29.59
CA GLN A 103 20.53 5.02 -30.40
C GLN A 103 21.70 4.19 -30.91
N SER A 104 22.75 4.85 -31.38
CA SER A 104 23.90 4.14 -31.94
C SER A 104 24.70 3.42 -30.86
N LEU A 105 24.84 4.03 -29.69
CA LEU A 105 25.59 3.42 -28.59
C LEU A 105 24.80 2.29 -27.91
N ASP A 106 23.49 2.49 -27.73
CA ASP A 106 22.59 1.44 -27.23
C ASP A 106 22.62 0.17 -28.09
N ALA A 107 22.36 0.30 -29.40
CA ALA A 107 22.27 -0.84 -30.31
C ALA A 107 23.57 -1.65 -30.48
N ILE A 108 24.72 -1.13 -30.09
CA ILE A 108 25.98 -1.87 -30.25
C ILE A 108 26.46 -2.54 -28.97
N ASP A 109 25.86 -2.24 -27.81
CA ASP A 109 26.38 -2.75 -26.54
C ASP A 109 26.28 -4.27 -26.41
N GLY A 110 25.16 -4.87 -26.79
CA GLY A 110 25.06 -6.32 -26.78
C GLY A 110 25.91 -7.01 -27.84
N LYS A 111 26.12 -6.36 -28.98
CA LYS A 111 27.06 -6.88 -29.97
C LYS A 111 28.51 -6.82 -29.47
N GLN A 112 28.88 -5.73 -28.80
CA GLN A 112 30.20 -5.62 -28.17
C GLN A 112 30.36 -6.65 -27.06
N ALA A 113 29.30 -6.87 -26.28
CA ALA A 113 29.30 -7.85 -25.19
C ALA A 113 29.58 -9.26 -25.70
N ARG A 114 28.96 -9.64 -26.81
CA ARG A 114 29.23 -10.93 -27.44
C ARG A 114 30.68 -11.03 -27.95
N ARG A 115 31.17 -9.98 -28.63
CA ARG A 115 32.54 -9.97 -29.16
C ARG A 115 33.62 -10.14 -28.07
N THR A 116 33.40 -9.61 -26.88
CA THR A 116 34.40 -9.65 -25.82
C THR A 116 34.13 -10.73 -24.77
N ASN A 117 33.12 -11.60 -25.00
CA ASN A 117 32.62 -12.64 -24.08
C ASN A 117 32.28 -12.12 -22.67
N SER A 118 31.70 -10.92 -22.63
CA SER A 118 31.33 -10.27 -21.38
C SER A 118 29.82 -10.17 -21.19
N SER A 119 29.05 -10.89 -22.03
CA SER A 119 27.60 -11.01 -21.85
C SER A 119 27.30 -11.55 -20.46
N SER A 120 26.42 -10.87 -19.74
CA SER A 120 26.09 -11.27 -18.38
C SER A 120 24.67 -10.82 -18.08
N PRO A 121 23.98 -11.47 -17.09
CA PRO A 121 22.68 -10.91 -16.65
C PRO A 121 22.71 -9.47 -16.12
N LEU A 122 23.81 -9.01 -15.52
CA LEU A 122 23.92 -7.61 -15.11
C LEU A 122 23.75 -6.67 -16.29
N GLY A 123 24.36 -7.01 -17.43
CA GLY A 123 24.25 -6.17 -18.62
C GLY A 123 22.83 -6.05 -19.13
N GLU A 124 22.12 -7.18 -19.23
CA GLU A 124 20.71 -7.18 -19.62
C GLU A 124 19.81 -6.40 -18.68
N LEU A 125 19.98 -6.58 -17.36
CA LEU A 125 19.21 -5.80 -16.38
C LEU A 125 19.52 -4.31 -16.47
N PHE A 126 20.80 -3.97 -16.66
CA PHE A 126 21.23 -2.57 -16.71
C PHE A 126 20.71 -1.87 -17.95
N ASP A 127 20.79 -2.55 -19.10
CA ASP A 127 20.28 -2.05 -20.39
C ASP A 127 18.80 -1.67 -20.33
N HIS A 128 17.91 -2.64 -20.08
CA HIS A 128 16.48 -2.33 -20.01
C HIS A 128 16.16 -1.34 -18.88
N GLY A 129 16.96 -1.35 -17.81
CA GLY A 129 16.81 -0.35 -16.77
C GLY A 129 17.24 1.03 -17.23
N CYS A 130 18.25 1.10 -18.10
CA CYS A 130 18.67 2.36 -18.70
C CYS A 130 17.70 2.84 -19.78
N ASP A 131 17.19 1.91 -20.60
CA ASP A 131 16.18 2.24 -21.61
C ASP A 131 14.91 2.83 -20.99
N SER A 132 14.49 2.29 -19.85
CA SER A 132 13.31 2.79 -19.14
C SER A 132 13.45 4.23 -18.67
N LEU A 133 14.64 4.63 -18.24
CA LEU A 133 14.82 6.03 -17.87
C LEU A 133 14.90 6.95 -19.08
N SER A 134 15.67 6.55 -20.11
CA SER A 134 15.81 7.31 -21.35
C SER A 134 14.50 7.61 -22.08
N THR A 135 13.58 6.63 -22.17
CA THR A 135 12.27 6.80 -22.81
C THR A 135 11.47 8.00 -22.26
N VAL A 136 11.50 8.21 -20.94
CA VAL A 136 10.84 9.34 -20.28
C VAL A 136 11.36 10.67 -20.84
N PHE A 137 12.67 10.78 -21.00
CA PHE A 137 13.28 11.99 -21.53
C PHE A 137 12.97 12.17 -23.01
N VAL A 138 12.90 11.06 -23.76
CA VAL A 138 12.59 11.10 -25.19
C VAL A 138 11.18 11.65 -25.45
N VAL A 139 10.17 11.17 -24.72
CA VAL A 139 8.80 11.67 -24.94
C VAL A 139 8.67 13.12 -24.48
N LEU A 140 9.33 13.49 -23.37
CA LEU A 140 9.31 14.88 -22.91
C LEU A 140 9.99 15.82 -23.88
N GLY A 141 11.20 15.45 -24.33
CA GLY A 141 11.91 16.25 -25.32
C GLY A 141 11.15 16.42 -26.63
N THR A 142 10.49 15.36 -27.07
CA THR A 142 9.62 15.42 -28.24
C THR A 142 8.48 16.42 -28.07
N CYS A 143 7.80 16.37 -26.92
CA CYS A 143 6.71 17.29 -26.63
C CYS A 143 7.15 18.74 -26.58
N ILE A 144 8.35 19.00 -26.06
CA ILE A 144 8.89 20.36 -26.09
C ILE A 144 9.16 20.77 -27.54
N ALA A 145 9.79 19.86 -28.31
CA ALA A 145 10.13 20.14 -29.70
C ALA A 145 8.90 20.46 -30.56
N VAL A 146 7.76 19.83 -30.28
CA VAL A 146 6.55 20.12 -31.03
C VAL A 146 5.64 21.14 -30.33
N GLN A 147 6.06 21.67 -29.18
CA GLN A 147 5.28 22.61 -28.34
C GLN A 147 3.88 22.10 -27.98
N LEU A 148 3.80 20.84 -27.54
CA LEU A 148 2.53 20.20 -27.19
C LEU A 148 1.94 20.71 -25.88
N GLY A 149 2.68 21.52 -25.12
CA GLY A 149 2.16 22.19 -23.92
C GLY A 149 0.97 23.11 -24.11
N THR A 150 0.75 23.62 -25.33
CA THR A 150 -0.47 24.39 -25.59
C THR A 150 -1.75 23.54 -25.59
N ASN A 151 -1.64 22.21 -25.58
CA ASN A 151 -2.79 21.31 -25.53
C ASN A 151 -2.54 20.23 -24.49
N PRO A 152 -2.62 20.59 -23.18
CA PRO A 152 -2.20 19.68 -22.08
C PRO A 152 -2.82 18.28 -22.08
N ASP A 153 -4.11 18.16 -22.41
CA ASP A 153 -4.74 16.84 -22.48
C ASP A 153 -4.08 15.94 -23.51
N TRP A 154 -3.69 16.50 -24.66
CA TRP A 154 -2.93 15.73 -25.64
C TRP A 154 -1.52 15.43 -25.15
N MET A 155 -0.90 16.41 -24.49
CA MET A 155 0.42 16.22 -23.89
C MET A 155 0.41 15.15 -22.81
N PHE A 156 -0.58 15.20 -21.91
CA PHE A 156 -0.75 14.17 -20.88
C PHE A 156 -0.92 12.78 -21.48
N PHE A 157 -1.89 12.62 -22.39
CA PHE A 157 -2.14 11.32 -23.02
C PHE A 157 -0.92 10.75 -23.73
N CYS A 158 -0.30 11.54 -24.61
CA CYS A 158 0.83 11.07 -25.43
C CYS A 158 2.05 10.64 -24.60
N CYS A 159 2.40 11.41 -23.57
CA CYS A 159 3.55 11.08 -22.74
C CYS A 159 3.32 9.79 -21.96
N PHE A 160 2.15 9.66 -21.36
CA PHE A 160 1.82 8.47 -20.58
C PHE A 160 1.50 7.26 -21.46
N ALA A 161 0.99 7.49 -22.67
CA ALA A 161 0.80 6.38 -23.61
C ALA A 161 2.14 5.76 -24.00
N GLY A 162 3.14 6.59 -24.30
CA GLY A 162 4.47 6.09 -24.65
C GLY A 162 5.12 5.27 -23.54
N THR A 163 5.05 5.74 -22.30
CA THR A 163 5.56 4.97 -21.17
C THR A 163 4.78 3.65 -21.03
N PHE A 164 3.46 3.67 -21.24
CA PHE A 164 2.63 2.47 -21.16
C PHE A 164 2.97 1.45 -22.24
N MET A 165 3.21 1.89 -23.48
CA MET A 165 3.64 0.95 -24.53
C MET A 165 4.97 0.30 -24.20
N PHE A 166 5.93 1.09 -23.71
CA PHE A 166 7.22 0.55 -23.28
C PHE A 166 7.06 -0.43 -22.12
N TYR A 167 6.19 -0.09 -21.16
CA TYR A 167 5.83 -1.04 -20.10
C TYR A 167 5.19 -2.30 -20.65
N CYS A 168 4.27 -2.14 -21.61
CA CYS A 168 3.57 -3.28 -22.21
C CYS A 168 4.53 -4.23 -22.94
N ALA A 169 5.58 -3.69 -23.57
CA ALA A 169 6.61 -4.54 -24.16
C ALA A 169 7.28 -5.44 -23.13
N HIS A 170 7.57 -4.90 -21.95
CA HIS A 170 8.13 -5.69 -20.87
C HIS A 170 7.08 -6.58 -20.23
N TRP A 171 5.82 -6.14 -20.22
CA TRP A 171 4.73 -6.98 -19.74
C TRP A 171 4.59 -8.20 -20.66
N GLN A 172 4.60 -7.97 -21.98
CA GLN A 172 4.63 -9.04 -22.97
C GLN A 172 5.81 -9.99 -22.74
N THR A 173 6.97 -9.44 -22.39
CA THR A 173 8.13 -10.27 -22.10
C THR A 173 7.92 -11.07 -20.82
N TYR A 174 7.34 -10.43 -19.80
CA TYR A 174 6.94 -11.13 -18.57
C TYR A 174 5.91 -12.22 -18.83
N VAL A 175 5.02 -12.05 -19.80
CA VAL A 175 4.06 -13.11 -20.08
C VAL A 175 4.67 -14.22 -20.93
N SER A 176 5.33 -13.85 -22.03
CA SER A 176 5.73 -14.86 -23.01
C SER A 176 7.17 -15.34 -22.86
N GLY A 177 7.99 -14.68 -22.04
CA GLY A 177 9.38 -15.09 -21.92
C GLY A 177 10.29 -14.66 -23.07
N THR A 178 9.75 -13.99 -24.08
CA THR A 178 10.50 -13.63 -25.28
C THR A 178 10.17 -12.19 -25.66
N LEU A 179 11.19 -11.38 -25.91
CA LEU A 179 10.99 -10.05 -26.45
C LEU A 179 10.63 -10.13 -27.93
N ARG A 180 9.45 -9.61 -28.29
CA ARG A 180 8.93 -9.67 -29.64
C ARG A 180 8.89 -8.28 -30.25
N PHE A 181 9.59 -8.10 -31.36
CA PHE A 181 9.59 -6.83 -32.09
C PHE A 181 8.49 -6.79 -33.14
N GLY A 182 7.81 -5.65 -33.21
CA GLY A 182 6.81 -5.41 -34.23
C GLY A 182 7.40 -4.90 -35.54
N ILE A 183 6.50 -4.68 -36.51
CA ILE A 183 6.88 -4.06 -37.77
C ILE A 183 7.25 -2.59 -37.56
N ILE A 184 6.49 -1.88 -36.74
CA ILE A 184 6.82 -0.53 -36.29
C ILE A 184 7.29 -0.66 -34.85
N ASP A 185 8.56 -0.37 -34.59
CA ASP A 185 9.12 -0.50 -33.27
C ASP A 185 10.03 0.69 -32.99
N VAL A 186 10.87 0.53 -31.95
CA VAL A 186 11.78 1.55 -31.40
C VAL A 186 12.60 2.26 -32.47
N THR A 187 13.09 1.50 -33.46
CA THR A 187 13.93 2.07 -34.52
C THR A 187 13.18 3.12 -35.34
N GLU A 188 11.98 2.78 -35.81
CA GLU A 188 11.19 3.72 -36.60
C GLU A 188 10.74 4.92 -35.78
N VAL A 189 10.34 4.69 -34.52
CA VAL A 189 9.88 5.78 -33.66
C VAL A 189 11.00 6.79 -33.37
N GLN A 190 12.19 6.25 -33.16
CA GLN A 190 13.30 7.15 -32.78
C GLN A 190 13.74 7.93 -34.00
N ILE A 191 13.87 7.30 -35.15
CA ILE A 191 14.24 8.00 -36.39
C ILE A 191 13.21 9.08 -36.75
N PHE A 192 11.91 8.78 -36.61
CA PHE A 192 10.86 9.78 -36.84
C PHE A 192 10.98 10.98 -35.89
N ILE A 193 11.32 10.73 -34.63
CA ILE A 193 11.53 11.83 -33.68
C ILE A 193 12.76 12.66 -34.03
N ILE A 194 13.86 12.02 -34.47
CA ILE A 194 15.04 12.76 -34.94
C ILE A 194 14.73 13.69 -36.12
N ILE A 195 14.02 13.18 -37.15
CA ILE A 195 13.60 14.01 -38.29
C ILE A 195 12.68 15.16 -37.85
N MET A 196 11.76 14.89 -36.92
CA MET A 196 10.82 15.89 -36.39
C MET A 196 11.53 17.08 -35.75
N HIS A 197 12.61 16.83 -35.01
CA HIS A 197 13.39 17.94 -34.46
C HIS A 197 13.97 18.86 -35.53
N LEU A 198 14.46 18.31 -36.66
CA LEU A 198 14.95 19.18 -37.74
C LEU A 198 13.87 20.02 -38.42
N LEU A 199 12.64 19.50 -38.60
CA LEU A 199 11.58 20.40 -39.11
C LEU A 199 11.24 21.50 -38.11
N ALA A 200 11.30 21.19 -36.81
CA ALA A 200 11.14 22.22 -35.78
C ALA A 200 12.26 23.26 -35.86
N VAL A 201 13.45 22.87 -36.32
CA VAL A 201 14.51 23.85 -36.56
C VAL A 201 14.18 24.70 -37.78
N ILE A 202 13.75 24.06 -38.87
CA ILE A 202 13.54 24.75 -40.14
C ILE A 202 12.29 25.64 -40.07
N GLY A 203 11.19 25.12 -39.54
CA GLY A 203 9.94 25.84 -39.65
C GLY A 203 9.45 26.56 -38.40
N GLY A 204 9.96 26.16 -37.24
CA GLY A 204 9.56 26.69 -35.96
C GLY A 204 8.09 26.59 -35.59
N PRO A 205 7.68 27.37 -34.60
CA PRO A 205 6.24 27.48 -34.22
C PRO A 205 5.28 27.86 -35.36
N PRO A 206 5.60 28.80 -36.30
CA PRO A 206 4.61 29.05 -37.38
C PRO A 206 4.25 27.85 -38.23
N PHE A 207 5.23 27.00 -38.51
CA PHE A 207 5.01 25.76 -39.25
C PHE A 207 4.09 24.82 -38.45
N TRP A 208 4.40 24.61 -37.17
CA TRP A 208 3.62 23.71 -36.30
C TRP A 208 2.24 24.25 -35.98
N GLN A 209 2.03 25.56 -36.04
CA GLN A 209 0.71 26.15 -35.79
C GLN A 209 -0.18 26.20 -37.02
N SER A 210 0.37 25.95 -38.22
CA SER A 210 -0.43 25.93 -39.44
C SER A 210 -1.49 24.83 -39.40
N MET A 211 -2.64 25.13 -40.01
CA MET A 211 -3.79 24.23 -40.08
C MET A 211 -3.71 23.31 -41.30
N ILE A 212 -4.01 22.02 -41.07
CA ILE A 212 -4.22 21.05 -42.15
C ILE A 212 -5.59 21.25 -42.79
N PRO A 213 -5.65 21.73 -44.04
CA PRO A 213 -6.90 22.24 -44.63
C PRO A 213 -8.03 21.24 -44.74
N VAL A 214 -7.73 19.96 -44.94
CA VAL A 214 -8.78 18.96 -45.14
C VAL A 214 -9.47 18.55 -43.85
N LEU A 215 -8.77 18.57 -42.72
CA LEU A 215 -9.31 18.05 -41.47
C LEU A 215 -9.78 19.13 -40.51
N ASN A 216 -9.36 20.39 -40.75
CA ASN A 216 -9.58 21.54 -39.87
C ASN A 216 -9.10 21.26 -38.44
N ILE A 217 -7.96 20.59 -38.34
CA ILE A 217 -7.28 20.34 -37.08
C ILE A 217 -5.88 20.93 -37.27
N GLN A 218 -5.26 21.40 -36.20
CA GLN A 218 -3.88 21.83 -36.33
C GLN A 218 -2.95 20.65 -36.57
N MET A 219 -1.92 20.88 -37.41
CA MET A 219 -0.92 19.88 -37.74
C MET A 219 -0.18 19.38 -36.51
N LYS A 220 -0.04 20.26 -35.51
CA LYS A 220 0.56 19.94 -34.21
C LYS A 220 -0.17 18.80 -33.50
N ILE A 221 -1.46 18.59 -33.81
CA ILE A 221 -2.25 17.52 -33.20
C ILE A 221 -1.99 16.18 -33.91
N PHE A 222 -1.49 16.21 -35.15
CA PHE A 222 -1.20 14.99 -35.93
C PHE A 222 -0.18 14.05 -35.29
N PRO A 223 1.01 14.48 -34.81
CA PRO A 223 1.86 13.53 -34.05
C PRO A 223 1.17 12.93 -32.85
N ALA A 224 0.29 13.69 -32.18
CA ALA A 224 -0.47 13.15 -31.06
C ALA A 224 -1.47 12.12 -31.58
N LEU A 225 -2.10 12.39 -32.72
CA LEU A 225 -2.94 11.40 -33.40
C LEU A 225 -2.13 10.19 -33.85
N CYS A 226 -0.91 10.42 -34.34
CA CYS A 226 0.03 9.34 -34.64
C CYS A 226 0.32 8.50 -33.39
N THR A 227 0.43 9.16 -32.24
CA THR A 227 0.62 8.46 -30.97
C THR A 227 -0.60 7.59 -30.65
N VAL A 228 -1.81 8.09 -30.92
CA VAL A 228 -3.04 7.29 -30.77
C VAL A 228 -2.98 6.07 -31.68
N ALA A 229 -2.70 6.29 -32.97
CA ALA A 229 -2.62 5.21 -33.97
C ALA A 229 -1.55 4.19 -33.59
N GLY A 230 -0.40 4.68 -33.16
CA GLY A 230 0.67 3.83 -32.65
C GLY A 230 0.26 3.01 -31.44
N THR A 231 -0.50 3.62 -30.52
CA THR A 231 -0.99 2.91 -29.33
C THR A 231 -1.89 1.73 -29.68
N ILE A 232 -2.85 1.91 -30.60
CA ILE A 232 -3.73 0.79 -31.01
C ILE A 232 -2.93 -0.34 -31.62
N PHE A 233 -2.00 -0.01 -32.53
CA PHE A 233 -1.17 -1.02 -33.20
C PHE A 233 -0.30 -1.77 -32.19
N SER A 234 0.43 -1.04 -31.34
CA SER A 234 1.31 -1.67 -30.36
C SER A 234 0.54 -2.51 -29.33
N CYS A 235 -0.56 -1.99 -28.79
CA CYS A 235 -1.38 -2.75 -27.85
C CYS A 235 -1.98 -4.01 -28.46
N THR A 236 -2.47 -3.93 -29.71
CA THR A 236 -3.03 -5.10 -30.42
C THR A 236 -2.02 -6.24 -30.54
N ASN A 237 -0.77 -5.94 -30.86
CA ASN A 237 0.25 -6.98 -30.94
C ASN A 237 0.58 -7.56 -29.57
N TYR A 238 0.80 -6.70 -28.58
CA TYR A 238 1.08 -7.18 -27.24
C TYR A 238 -0.09 -7.98 -26.62
N PHE A 239 -1.31 -7.43 -26.66
CA PHE A 239 -2.48 -8.07 -26.05
C PHE A 239 -2.94 -9.39 -26.68
N ARG A 240 -2.80 -9.57 -28.01
CA ARG A 240 -3.02 -10.90 -28.60
C ARG A 240 -2.15 -11.95 -27.93
N VAL A 241 -0.86 -11.64 -27.75
CA VAL A 241 0.10 -12.55 -27.12
C VAL A 241 -0.21 -12.68 -25.63
N ILE A 242 -0.66 -11.59 -24.98
CA ILE A 242 -1.02 -11.61 -23.56
C ILE A 242 -2.14 -12.62 -23.30
N PHE A 243 -3.12 -12.70 -24.19
CA PHE A 243 -4.23 -13.63 -23.97
C PHE A 243 -3.94 -15.06 -24.39
N THR A 244 -3.01 -15.28 -25.33
CA THR A 244 -2.76 -16.63 -25.84
C THR A 244 -1.37 -17.20 -25.58
N GLY A 245 -0.41 -16.39 -25.10
CA GLY A 245 0.97 -16.84 -25.11
C GLY A 245 1.60 -17.16 -23.77
N GLY A 246 0.78 -17.32 -22.72
CA GLY A 246 1.29 -17.64 -21.40
C GLY A 246 1.96 -19.00 -21.32
N VAL A 247 3.25 -19.01 -20.95
CA VAL A 247 4.00 -20.26 -20.88
C VAL A 247 3.94 -20.93 -19.51
N GLY A 248 3.36 -20.28 -18.50
CA GLY A 248 3.23 -20.89 -17.19
C GLY A 248 2.12 -21.91 -17.12
N LYS A 249 2.01 -22.52 -15.93
CA LYS A 249 0.94 -23.48 -15.63
C LYS A 249 -0.46 -22.92 -15.87
N ASN A 250 -1.25 -23.68 -16.63
CA ASN A 250 -2.63 -23.34 -17.02
C ASN A 250 -2.72 -22.03 -17.81
N GLY A 251 -1.67 -21.71 -18.57
CA GLY A 251 -1.62 -20.50 -19.35
C GLY A 251 -1.35 -19.22 -18.58
N SER A 252 -0.83 -19.31 -17.36
CA SER A 252 -0.44 -18.14 -16.58
C SER A 252 0.90 -17.61 -17.10
N THR A 253 1.37 -16.52 -16.49
CA THR A 253 2.72 -16.04 -16.79
C THR A 253 3.77 -17.07 -16.37
N ILE A 254 5.01 -16.85 -16.82
CA ILE A 254 6.16 -17.67 -16.47
C ILE A 254 6.43 -17.68 -14.96
N ALA A 255 6.01 -16.66 -14.22
CA ALA A 255 6.15 -16.66 -12.77
C ALA A 255 4.98 -17.31 -12.06
N GLY A 256 3.98 -17.79 -12.79
CA GLY A 256 2.80 -18.36 -12.17
C GLY A 256 1.78 -17.39 -11.62
N THR A 257 1.92 -16.09 -11.89
CA THR A 257 0.94 -15.12 -11.43
C THR A 257 -0.09 -14.86 -12.52
N SER A 258 -1.22 -14.28 -12.10
CA SER A 258 -2.26 -13.83 -13.03
C SER A 258 -1.68 -12.94 -14.13
N VAL A 259 -2.14 -13.17 -15.37
CA VAL A 259 -1.78 -12.32 -16.50
C VAL A 259 -2.23 -10.86 -16.36
N LEU A 260 -3.18 -10.56 -15.48
CA LEU A 260 -3.58 -9.17 -15.25
C LEU A 260 -2.79 -8.44 -14.18
N SER A 261 -1.92 -9.14 -13.44
CA SER A 261 -1.18 -8.49 -12.35
C SER A 261 -0.31 -7.29 -12.73
N PRO A 262 0.40 -7.23 -13.88
CA PRO A 262 1.15 -6.00 -14.19
C PRO A 262 0.28 -4.79 -14.49
N PHE A 263 -0.95 -5.01 -14.98
CA PHE A 263 -1.89 -3.93 -15.29
C PHE A 263 -2.13 -3.02 -14.10
N LEU A 264 -2.27 -3.60 -12.90
CA LEU A 264 -2.54 -2.84 -11.68
C LEU A 264 -1.45 -1.82 -11.37
N HIS A 265 -0.20 -2.17 -11.66
CA HIS A 265 0.93 -1.29 -11.34
C HIS A 265 0.96 -0.07 -12.25
N ILE A 266 1.01 -0.28 -13.57
CA ILE A 266 1.05 0.83 -14.52
C ILE A 266 -0.29 1.58 -14.51
N GLY A 267 -1.39 0.86 -14.29
CA GLY A 267 -2.69 1.50 -14.16
C GLY A 267 -2.74 2.48 -13.00
N SER A 268 -2.22 2.07 -11.83
CA SER A 268 -2.11 2.97 -10.67
C SER A 268 -1.28 4.21 -10.96
N VAL A 269 -0.17 4.07 -11.69
CA VAL A 269 0.66 5.22 -12.04
C VAL A 269 -0.13 6.20 -12.93
N ILE A 270 -0.76 5.68 -13.98
CA ILE A 270 -1.53 6.49 -14.91
C ILE A 270 -2.75 7.12 -14.23
N THR A 271 -3.44 6.33 -13.38
CA THR A 271 -4.61 6.85 -12.66
C THR A 271 -4.25 7.96 -11.67
N LEU A 272 -3.18 7.78 -10.89
CA LEU A 272 -2.71 8.84 -9.97
C LEU A 272 -2.36 10.13 -10.71
N ALA A 273 -1.65 10.02 -11.83
CA ALA A 273 -1.34 11.18 -12.65
C ALA A 273 -2.61 11.87 -13.15
N ALA A 274 -3.64 11.09 -13.53
CA ALA A 274 -4.90 11.66 -14.02
C ALA A 274 -5.71 12.33 -12.92
N MET A 275 -5.78 11.71 -11.72
CA MET A 275 -6.51 12.33 -10.60
C MET A 275 -5.87 13.64 -10.16
N ILE A 276 -4.54 13.66 -10.01
CA ILE A 276 -3.84 14.86 -9.57
C ILE A 276 -3.94 15.99 -10.60
N TYR A 277 -3.87 15.65 -11.89
CA TYR A 277 -4.11 16.61 -12.98
C TYR A 277 -5.51 17.24 -12.89
N LYS A 278 -6.57 16.41 -12.89
CA LYS A 278 -7.92 16.95 -12.99
C LYS A 278 -8.41 17.62 -11.72
N LYS A 279 -7.80 17.36 -10.57
CA LYS A 279 -8.23 17.97 -9.32
C LYS A 279 -7.45 19.24 -8.95
N SER A 280 -6.28 19.48 -9.57
CA SER A 280 -5.42 20.62 -9.22
C SER A 280 -6.15 21.96 -9.36
N ALA A 281 -6.25 22.68 -8.25
CA ALA A 281 -6.87 24.01 -8.24
C ALA A 281 -5.98 25.07 -8.85
N VAL A 282 -4.66 24.87 -8.88
CA VAL A 282 -3.74 25.86 -9.41
C VAL A 282 -3.35 25.55 -10.85
N GLN A 283 -3.92 24.47 -11.43
CA GLN A 283 -3.59 23.97 -12.77
C GLN A 283 -2.10 23.65 -12.89
N LEU A 284 -1.61 22.85 -11.94
CA LEU A 284 -0.18 22.55 -11.76
C LEU A 284 0.50 22.02 -13.02
N PHE A 285 -0.17 21.11 -13.73
CA PHE A 285 0.41 20.55 -14.95
C PHE A 285 0.49 21.58 -16.07
N GLU A 286 -0.54 22.42 -16.23
CA GLU A 286 -0.52 23.39 -17.32
C GLU A 286 0.56 24.46 -17.14
N LYS A 287 0.83 24.88 -15.91
CA LYS A 287 1.91 25.84 -15.67
C LYS A 287 3.29 25.19 -15.62
N HIS A 288 3.41 23.95 -15.17
CA HIS A 288 4.71 23.29 -14.97
C HIS A 288 4.79 21.88 -15.55
N PRO A 289 4.51 21.70 -16.87
CA PRO A 289 4.36 20.33 -17.41
C PRO A 289 5.62 19.49 -17.39
N CYS A 290 6.78 20.06 -17.72
CA CYS A 290 8.04 19.31 -17.74
C CYS A 290 8.41 18.77 -16.36
N LEU A 291 8.28 19.61 -15.33
CA LEU A 291 8.54 19.18 -13.96
C LEU A 291 7.60 18.05 -13.54
N TYR A 292 6.32 18.15 -13.92
CA TYR A 292 5.32 17.12 -13.64
C TYR A 292 5.66 15.81 -14.33
N ILE A 293 5.96 15.85 -15.63
CA ILE A 293 6.31 14.64 -16.40
C ILE A 293 7.56 13.97 -15.84
N LEU A 294 8.57 14.76 -15.45
CA LEU A 294 9.78 14.20 -14.83
C LEU A 294 9.48 13.48 -13.51
N THR A 295 8.61 14.08 -12.67
CA THR A 295 8.25 13.47 -11.39
C THR A 295 7.61 12.10 -11.58
N PHE A 296 6.53 12.03 -12.35
CA PHE A 296 5.84 10.77 -12.62
C PHE A 296 6.62 9.87 -13.55
N GLY A 297 7.49 10.43 -14.38
CA GLY A 297 8.38 9.63 -15.21
C GLY A 297 9.35 8.78 -14.42
N PHE A 298 9.97 9.35 -13.38
CA PHE A 298 10.84 8.58 -12.50
C PHE A 298 10.10 7.50 -11.74
N VAL A 299 8.88 7.81 -11.28
CA VAL A 299 8.00 6.81 -10.68
C VAL A 299 7.71 5.68 -11.66
N SER A 300 7.30 6.04 -12.89
CA SER A 300 6.98 5.05 -13.92
C SER A 300 8.19 4.22 -14.33
N ALA A 301 9.34 4.87 -14.49
CA ALA A 301 10.59 4.18 -14.83
C ALA A 301 10.99 3.14 -13.78
N LYS A 302 10.88 3.48 -12.49
CA LYS A 302 11.16 2.52 -11.42
C LYS A 302 10.22 1.32 -11.47
N ILE A 303 8.92 1.56 -11.66
CA ILE A 303 7.93 0.48 -11.72
C ILE A 303 8.23 -0.43 -12.91
N THR A 304 8.64 0.16 -14.05
CA THR A 304 9.14 -0.63 -15.17
C THR A 304 10.38 -1.43 -14.79
N ASN A 305 11.34 -0.81 -14.08
CA ASN A 305 12.55 -1.51 -13.66
C ASN A 305 12.26 -2.67 -12.71
N LYS A 306 11.25 -2.53 -11.84
CA LYS A 306 10.80 -3.64 -11.03
C LYS A 306 10.23 -4.77 -11.88
N LEU A 307 9.53 -4.43 -12.96
CA LEU A 307 9.02 -5.45 -13.89
C LEU A 307 10.17 -6.19 -14.57
N VAL A 308 11.23 -5.46 -14.97
CA VAL A 308 12.42 -6.10 -15.52
C VAL A 308 13.03 -7.05 -14.48
N VAL A 309 13.19 -6.56 -13.25
CA VAL A 309 13.67 -7.39 -12.14
C VAL A 309 12.74 -8.58 -11.90
N ALA A 310 11.42 -8.36 -11.91
CA ALA A 310 10.46 -9.44 -11.72
C ALA A 310 10.58 -10.49 -12.82
N HIS A 311 10.80 -10.02 -14.06
CA HIS A 311 11.12 -10.92 -15.17
C HIS A 311 12.40 -11.69 -14.91
N MET A 312 13.49 -10.96 -14.61
CA MET A 312 14.81 -11.58 -14.48
C MET A 312 14.89 -12.50 -13.26
N THR A 313 14.13 -12.23 -12.20
CA THR A 313 14.10 -13.08 -11.02
C THR A 313 12.97 -14.10 -11.00
N LYS A 314 12.10 -14.13 -12.03
CA LYS A 314 10.90 -14.98 -12.11
C LYS A 314 10.03 -14.86 -10.85
N SER A 315 9.81 -13.65 -10.38
CA SER A 315 9.08 -13.37 -9.16
C SER A 315 7.79 -12.60 -9.43
N GLU A 316 6.88 -12.65 -8.45
CA GLU A 316 5.66 -11.87 -8.45
C GLU A 316 5.98 -10.38 -8.30
N MET A 317 5.04 -9.54 -8.71
CA MET A 317 5.14 -8.11 -8.46
C MET A 317 4.31 -7.71 -7.24
N HIS A 318 4.95 -7.05 -6.27
CA HIS A 318 4.24 -6.46 -5.14
C HIS A 318 3.75 -5.06 -5.51
N LEU A 319 2.46 -4.81 -5.29
CA LEU A 319 1.86 -3.52 -5.62
C LEU A 319 2.39 -2.40 -4.73
N HIS A 320 2.63 -2.71 -3.45
CA HIS A 320 3.19 -1.76 -2.49
C HIS A 320 4.66 -1.44 -2.75
N ASP A 321 4.92 -0.19 -3.14
CA ASP A 321 6.29 0.23 -3.38
C ASP A 321 6.46 1.67 -2.92
N THR A 322 7.68 1.97 -2.43
CA THR A 322 8.06 3.32 -2.01
C THR A 322 8.00 4.36 -3.13
N ALA A 323 8.06 3.93 -4.41
CA ALA A 323 7.92 4.84 -5.55
C ALA A 323 6.63 5.67 -5.52
N PHE A 324 5.57 5.16 -4.90
CA PHE A 324 4.30 5.86 -4.84
C PHE A 324 4.23 6.91 -3.74
N ILE A 325 5.24 7.00 -2.86
CA ILE A 325 5.26 7.97 -1.76
C ILE A 325 5.23 9.40 -2.31
N GLY A 326 6.07 9.67 -3.33
CA GLY A 326 6.14 10.96 -3.99
C GLY A 326 4.81 11.42 -4.59
N PRO A 327 4.19 10.60 -5.46
CA PRO A 327 2.81 10.91 -5.91
C PRO A 327 1.81 11.07 -4.77
N ALA A 328 1.94 10.26 -3.71
CA ALA A 328 1.06 10.35 -2.55
C ALA A 328 1.20 11.69 -1.82
N LEU A 329 2.43 12.23 -1.75
CA LEU A 329 2.64 13.57 -1.18
C LEU A 329 1.84 14.60 -1.95
N LEU A 330 1.90 14.55 -3.29
CA LEU A 330 1.09 15.42 -4.13
C LEU A 330 -0.40 15.18 -3.88
N PHE A 331 -0.77 13.90 -3.83
CA PHE A 331 -2.14 13.44 -3.60
C PHE A 331 -2.70 13.86 -2.24
N LEU A 332 -1.93 13.75 -1.16
CA LEU A 332 -2.40 14.16 0.16
C LEU A 332 -2.55 15.68 0.27
N ASP A 333 -1.59 16.42 -0.27
CA ASP A 333 -1.62 17.89 -0.29
C ASP A 333 -2.84 18.43 -1.02
N GLN A 334 -3.12 17.93 -2.21
CA GLN A 334 -4.33 18.29 -2.96
C GLN A 334 -5.62 17.88 -2.25
N TYR A 335 -5.57 16.85 -1.41
CA TYR A 335 -6.72 16.46 -0.60
C TYR A 335 -7.02 17.48 0.50
N PHE A 336 -6.01 18.13 1.06
CA PHE A 336 -6.24 19.16 2.08
C PHE A 336 -6.32 20.57 1.52
N ASN A 337 -6.91 20.73 0.32
CA ASN A 337 -7.13 22.01 -0.35
C ASN A 337 -5.85 22.78 -0.60
N SER A 338 -4.78 22.04 -0.89
CA SER A 338 -3.44 22.55 -1.23
C SER A 338 -2.90 23.50 -0.17
N PHE A 339 -2.82 23.00 1.07
CA PHE A 339 -2.34 23.80 2.19
C PHE A 339 -0.90 24.29 1.96
N ILE A 340 -0.08 23.49 1.28
CA ILE A 340 1.20 23.95 0.78
C ILE A 340 0.98 24.13 -0.72
N ASP A 341 1.69 25.09 -1.33
CA ASP A 341 1.72 25.28 -2.79
C ASP A 341 2.21 23.98 -3.44
N GLU A 342 1.37 23.38 -4.29
CA GLU A 342 1.64 22.14 -5.02
C GLU A 342 2.95 22.16 -5.81
N TYR A 343 3.36 23.34 -6.27
CA TYR A 343 4.63 23.50 -6.97
C TYR A 343 5.81 23.16 -6.05
N ILE A 344 5.74 23.58 -4.79
CA ILE A 344 6.78 23.23 -3.83
C ILE A 344 6.75 21.72 -3.55
N VAL A 345 5.54 21.16 -3.36
CA VAL A 345 5.35 19.73 -3.13
C VAL A 345 5.83 18.91 -4.32
N LEU A 346 5.60 19.40 -5.54
CA LEU A 346 6.07 18.74 -6.76
C LEU A 346 7.59 18.66 -6.81
N TRP A 347 8.28 19.75 -6.43
CA TRP A 347 9.74 19.70 -6.31
C TRP A 347 10.18 18.69 -5.26
N ILE A 348 9.50 18.65 -4.11
CA ILE A 348 9.78 17.66 -3.08
C ILE A 348 9.54 16.25 -3.62
N ALA A 349 8.43 16.05 -4.33
CA ALA A 349 8.11 14.76 -4.93
C ALA A 349 9.13 14.36 -6.00
N LEU A 350 9.58 15.31 -6.81
CA LEU A 350 10.64 15.06 -7.80
C LEU A 350 11.94 14.57 -7.16
N VAL A 351 12.46 15.35 -6.20
CA VAL A 351 13.73 15.05 -5.55
C VAL A 351 13.69 13.68 -4.86
N PHE A 352 12.62 13.41 -4.11
CA PHE A 352 12.43 12.11 -3.48
C PHE A 352 12.40 10.96 -4.49
N SER A 353 11.56 11.08 -5.52
CA SER A 353 11.42 10.03 -6.53
C SER A 353 12.71 9.77 -7.30
N PHE A 354 13.45 10.83 -7.60
CA PHE A 354 14.76 10.69 -8.25
C PHE A 354 15.74 9.92 -7.37
N PHE A 355 15.91 10.36 -6.12
CA PHE A 355 16.81 9.71 -5.18
C PHE A 355 16.39 8.26 -4.87
N ASP A 356 15.09 8.02 -4.75
CA ASP A 356 14.58 6.67 -4.49
C ASP A 356 14.86 5.73 -5.68
N LEU A 357 14.67 6.23 -6.90
CA LEU A 357 15.05 5.50 -8.11
C LEU A 357 16.54 5.18 -8.12
N ILE A 358 17.38 6.18 -7.89
CA ILE A 358 18.83 6.01 -7.91
C ILE A 358 19.29 5.03 -6.84
N ARG A 359 18.72 5.14 -5.63
CA ARG A 359 18.99 4.21 -4.53
C ARG A 359 18.67 2.76 -4.90
N TYR A 360 17.50 2.52 -5.49
CA TYR A 360 17.12 1.18 -5.94
C TYR A 360 18.09 0.63 -6.98
N CYS A 361 18.35 1.42 -8.03
CA CYS A 361 19.22 1.01 -9.14
C CYS A 361 20.64 0.68 -8.68
N VAL A 362 21.23 1.55 -7.85
CA VAL A 362 22.59 1.32 -7.34
C VAL A 362 22.63 0.05 -6.48
N SER A 363 21.63 -0.14 -5.61
CA SER A 363 21.58 -1.30 -4.74
C SER A 363 21.42 -2.62 -5.50
N VAL A 364 20.54 -2.65 -6.50
CA VAL A 364 20.33 -3.85 -7.31
C VAL A 364 21.58 -4.20 -8.12
N CYS A 365 22.15 -3.21 -8.80
CA CYS A 365 23.34 -3.41 -9.62
C CYS A 365 24.53 -3.90 -8.79
N ASN A 366 24.76 -3.30 -7.61
CA ASN A 366 25.84 -3.71 -6.73
C ASN A 366 25.62 -5.12 -6.18
N GLN A 367 24.36 -5.46 -5.85
CA GLN A 367 24.03 -6.79 -5.34
C GLN A 367 24.30 -7.88 -6.37
N ILE A 368 23.87 -7.66 -7.63
CA ILE A 368 24.13 -8.64 -8.68
C ILE A 368 25.63 -8.76 -8.94
N ALA A 369 26.32 -7.62 -9.03
CA ALA A 369 27.77 -7.57 -9.22
C ALA A 369 28.56 -8.28 -8.12
N SER A 370 28.15 -8.08 -6.86
CA SER A 370 28.79 -8.80 -5.76
C SER A 370 28.57 -10.30 -5.84
N HIS A 371 27.37 -10.73 -6.25
CA HIS A 371 27.12 -12.16 -6.40
C HIS A 371 27.89 -12.77 -7.55
N LEU A 372 27.94 -12.08 -8.69
CA LEU A 372 28.67 -12.63 -9.83
C LEU A 372 30.16 -12.35 -9.81
N HIS A 373 30.67 -11.61 -8.82
CA HIS A 373 32.08 -11.20 -8.71
C HIS A 373 32.62 -10.45 -9.93
N ILE A 374 31.77 -9.62 -10.54
CA ILE A 374 32.14 -8.77 -11.69
C ILE A 374 32.05 -7.32 -11.24
N HIS A 375 32.72 -6.44 -11.99
CA HIS A 375 32.61 -5.00 -11.84
C HIS A 375 31.63 -4.47 -12.89
N VAL A 376 30.79 -3.53 -12.46
CA VAL A 376 29.72 -2.97 -13.29
C VAL A 376 30.27 -2.29 -14.55
N PHE A 377 31.35 -1.50 -14.41
CA PHE A 377 31.81 -0.68 -15.54
C PHE A 377 33.22 -1.05 -16.02
N ARG A 378 33.75 -2.21 -15.63
CA ARG A 378 35.10 -2.60 -16.04
C ARG A 378 35.12 -4.09 -16.34
N ILE A 379 35.69 -4.45 -17.48
CA ILE A 379 35.97 -5.84 -17.81
C ILE A 379 37.33 -6.20 -17.23
N LYS A 380 37.41 -7.36 -16.57
CA LYS A 380 38.69 -7.95 -16.21
C LYS A 380 39.41 -8.47 -17.45
N THR B 1 -24.61 -25.02 -2.16
CA THR B 1 -24.70 -23.84 -1.30
C THR B 1 -23.53 -23.78 -0.34
N GLY B 2 -23.20 -24.92 0.26
CA GLY B 2 -22.05 -24.98 1.16
C GLY B 2 -20.72 -24.77 0.47
N CYS B 3 -20.59 -25.23 -0.78
CA CYS B 3 -19.37 -25.01 -1.55
C CYS B 3 -19.15 -23.55 -1.93
N VAL B 4 -20.20 -22.84 -2.36
CA VAL B 4 -20.05 -21.42 -2.71
C VAL B 4 -19.72 -20.58 -1.47
N LEU B 5 -20.40 -20.83 -0.34
CA LEU B 5 -20.14 -20.09 0.89
C LEU B 5 -18.72 -20.32 1.41
N ASN B 6 -18.26 -21.57 1.37
CA ASN B 6 -16.88 -21.91 1.76
C ASN B 6 -15.83 -21.21 0.90
N LYS B 7 -16.06 -21.13 -0.41
CA LYS B 7 -15.12 -20.39 -1.26
C LYS B 7 -15.12 -18.89 -0.93
N LEU B 8 -16.26 -18.34 -0.52
CA LEU B 8 -16.37 -16.92 -0.18
C LEU B 8 -15.62 -16.51 1.09
N PHE B 9 -15.50 -17.38 2.08
CA PHE B 9 -14.90 -16.97 3.37
C PHE B 9 -13.43 -17.35 3.55
N GLN B 10 -12.75 -17.80 2.50
CA GLN B 10 -11.31 -18.04 2.58
C GLN B 10 -10.59 -17.32 1.43
N LEU B 11 -9.44 -16.75 1.77
CA LEU B 11 -8.55 -16.15 0.78
C LEU B 11 -7.92 -17.23 -0.11
N PRO B 12 -7.70 -16.93 -1.39
CA PRO B 12 -7.07 -17.92 -2.30
C PRO B 12 -5.69 -18.38 -1.86
N THR B 13 -4.91 -17.53 -1.21
CA THR B 13 -3.65 -18.08 -0.74
C THR B 13 -3.65 -18.17 0.78
N PRO B 14 -3.10 -19.26 1.35
CA PRO B 14 -3.00 -19.41 2.81
C PRO B 14 -2.21 -18.27 3.44
N PRO B 15 -2.77 -17.62 4.46
CA PRO B 15 -2.06 -16.48 5.07
C PRO B 15 -0.80 -16.84 5.83
N LEU B 16 -0.65 -18.06 6.35
CA LEU B 16 0.57 -18.43 7.06
C LEU B 16 1.34 -19.50 6.31
N SER B 17 2.65 -19.33 6.22
CA SER B 17 3.54 -20.38 5.76
C SER B 17 3.70 -21.48 6.81
N ARG B 18 4.11 -22.66 6.33
CA ARG B 18 4.43 -23.82 7.17
C ARG B 18 5.50 -23.53 8.22
N HIS B 19 6.47 -22.65 7.93
CA HIS B 19 7.52 -22.36 8.91
C HIS B 19 6.97 -21.55 10.10
N GLN B 20 6.08 -20.58 9.85
CA GLN B 20 5.38 -19.90 10.93
C GLN B 20 4.48 -20.87 11.71
N LEU B 21 3.81 -21.76 10.98
CA LEU B 21 2.97 -22.80 11.56
C LEU B 21 3.74 -23.70 12.53
N LYS B 22 4.93 -24.17 12.13
CA LYS B 22 5.78 -24.94 13.04
C LYS B 22 6.22 -24.15 14.26
N ARG B 23 6.62 -22.89 14.06
CA ARG B 23 7.01 -21.99 15.15
C ARG B 23 5.86 -21.67 16.10
N LEU B 24 4.62 -21.64 15.59
CA LEU B 24 3.43 -21.43 16.41
C LEU B 24 3.23 -22.53 17.45
N GLU B 25 3.57 -23.77 17.10
CA GLU B 25 3.51 -24.90 18.03
C GLU B 25 4.44 -24.74 19.24
N GLU B 26 5.55 -24.03 19.08
CA GLU B 26 6.49 -23.79 20.17
C GLU B 26 6.07 -22.68 21.15
N HIS B 27 5.00 -21.93 20.87
CA HIS B 27 4.55 -20.86 21.76
C HIS B 27 4.08 -21.41 23.11
N ARG B 28 4.43 -20.69 24.17
CA ARG B 28 4.03 -20.98 25.55
C ARG B 28 3.53 -19.68 26.16
N TYR B 29 2.24 -19.67 26.57
CA TYR B 29 1.63 -18.55 27.26
C TYR B 29 2.39 -18.13 28.51
N GLN B 30 2.66 -16.84 28.61
CA GLN B 30 3.28 -16.18 29.76
C GLN B 30 2.56 -14.88 30.07
N SER B 31 2.10 -14.72 31.31
CA SER B 31 1.54 -13.44 31.75
C SER B 31 2.19 -13.08 33.08
N ALA B 32 2.27 -11.78 33.37
CA ALA B 32 2.85 -11.34 34.64
C ALA B 32 2.13 -10.11 35.20
N GLY B 33 1.31 -10.31 36.22
CA GLY B 33 0.56 -9.21 36.78
C GLY B 33 -0.78 -9.63 37.34
N ARG B 34 -1.42 -8.66 38.00
CA ARG B 34 -2.69 -8.86 38.68
C ARG B 34 -3.40 -7.52 38.75
N SER B 35 -4.65 -7.48 38.29
CA SER B 35 -5.49 -6.29 38.43
C SER B 35 -6.03 -6.19 39.86
N LEU B 36 -6.54 -5.00 40.19
CA LEU B 36 -7.03 -4.63 41.51
C LEU B 36 -8.23 -5.45 41.96
N LEU B 37 -9.21 -5.62 41.07
CA LEU B 37 -10.48 -6.26 41.39
C LEU B 37 -10.52 -7.75 41.07
N GLU B 38 -9.60 -8.24 40.23
CA GLU B 38 -9.45 -9.65 39.91
C GLU B 38 -9.46 -10.63 41.08
N PRO B 39 -8.74 -10.43 42.21
CA PRO B 39 -8.81 -11.45 43.29
C PRO B 39 -10.19 -11.61 43.89
N LEU B 40 -10.99 -10.54 44.00
CA LEU B 40 -12.36 -10.69 44.46
C LEU B 40 -13.20 -11.41 43.41
N MET B 41 -13.01 -11.06 42.13
CA MET B 41 -13.74 -11.70 41.04
C MET B 41 -13.29 -13.13 40.78
N GLN B 42 -12.04 -13.46 41.16
CA GLN B 42 -11.50 -14.82 40.96
C GLN B 42 -12.37 -15.89 41.61
N GLY B 43 -12.85 -15.61 42.83
CA GLY B 43 -13.73 -16.54 43.53
C GLY B 43 -15.03 -16.82 42.80
N TYR B 44 -15.62 -15.79 42.20
CA TYR B 44 -16.83 -15.96 41.39
C TYR B 44 -16.53 -16.76 40.11
N TRP B 45 -15.46 -16.40 39.40
CA TRP B 45 -15.13 -17.11 38.16
C TRP B 45 -14.67 -18.55 38.40
N GLU B 46 -13.97 -18.81 39.51
CA GLU B 46 -13.64 -20.19 39.89
C GLU B 46 -14.88 -21.00 40.25
N TRP B 47 -15.84 -20.39 40.95
CA TRP B 47 -17.13 -21.03 41.19
C TRP B 47 -17.88 -21.30 39.88
N LEU B 48 -17.91 -20.31 38.98
CA LEU B 48 -18.69 -20.40 37.75
C LEU B 48 -18.18 -21.49 36.81
N VAL B 49 -16.86 -21.55 36.59
CA VAL B 49 -16.25 -22.55 35.72
C VAL B 49 -16.52 -23.99 36.18
N ARG B 50 -16.62 -24.23 37.49
CA ARG B 50 -16.94 -25.57 37.99
C ARG B 50 -18.35 -26.00 37.62
N ARG B 51 -19.28 -25.06 37.41
CA ARG B 51 -20.62 -25.40 36.98
C ARG B 51 -20.75 -25.71 35.50
N VAL B 52 -19.79 -25.27 34.69
CA VAL B 52 -19.81 -25.57 33.25
C VAL B 52 -19.48 -27.04 33.00
N PRO B 53 -20.33 -27.78 32.28
CA PRO B 53 -20.01 -29.15 31.84
C PRO B 53 -18.74 -29.22 30.99
N SER B 54 -18.01 -30.30 31.16
CA SER B 54 -16.72 -30.52 30.50
C SER B 54 -16.79 -30.67 28.97
N TRP B 55 -17.96 -30.91 28.36
CA TRP B 55 -17.97 -31.03 26.90
C TRP B 55 -18.03 -29.71 26.14
N ILE B 56 -18.31 -28.56 26.75
CA ILE B 56 -18.29 -27.31 25.98
C ILE B 56 -16.85 -26.88 25.73
N ALA B 57 -16.50 -26.76 24.45
CA ALA B 57 -15.19 -26.31 24.00
C ALA B 57 -14.98 -24.82 24.32
N PRO B 58 -13.74 -24.44 24.66
CA PRO B 58 -13.42 -23.00 24.88
C PRO B 58 -13.83 -22.01 23.80
N ASN B 59 -13.47 -22.26 22.54
CA ASN B 59 -13.81 -21.32 21.47
C ASN B 59 -15.32 -21.16 21.26
N LEU B 60 -16.10 -22.17 21.63
CA LEU B 60 -17.55 -22.05 21.62
C LEU B 60 -18.08 -21.16 22.75
N ILE B 61 -17.43 -21.21 23.94
CA ILE B 61 -17.78 -20.34 25.06
C ILE B 61 -17.58 -18.85 24.76
N THR B 62 -16.40 -18.47 24.25
CA THR B 62 -16.11 -17.07 23.90
C THR B 62 -17.12 -16.50 22.89
N ILE B 63 -17.39 -17.25 21.81
CA ILE B 63 -18.26 -16.81 20.73
C ILE B 63 -19.71 -16.65 21.20
N ILE B 64 -20.18 -17.43 22.19
CA ILE B 64 -21.50 -17.19 22.77
C ILE B 64 -21.54 -15.83 23.45
N GLY B 65 -20.52 -15.52 24.24
CA GLY B 65 -20.37 -14.21 24.85
C GLY B 65 -20.40 -13.07 23.84
N LEU B 66 -19.52 -13.13 22.84
CA LEU B 66 -19.45 -12.11 21.78
C LEU B 66 -20.79 -11.92 21.07
N SER B 67 -21.47 -13.01 20.72
CA SER B 67 -22.77 -12.94 20.04
C SER B 67 -23.80 -12.21 20.89
N ILE B 68 -23.81 -12.47 22.20
CA ILE B 68 -24.71 -11.76 23.12
C ILE B 68 -24.37 -10.28 23.16
N ASN B 69 -23.07 -9.98 23.27
CA ASN B 69 -22.58 -8.60 23.28
C ASN B 69 -22.90 -7.86 21.98
N ILE B 70 -22.64 -8.50 20.84
CA ILE B 70 -22.93 -7.91 19.52
C ILE B 70 -24.43 -7.61 19.37
N CYS B 71 -25.29 -8.60 19.66
CA CYS B 71 -26.74 -8.45 19.47
C CYS B 71 -27.33 -7.32 20.31
N THR B 72 -26.91 -7.21 21.57
CA THR B 72 -27.42 -6.14 22.43
C THR B 72 -26.95 -4.76 22.00
N THR B 73 -25.67 -4.62 21.63
CA THR B 73 -25.17 -3.35 21.12
C THR B 73 -25.77 -2.97 19.76
N ILE B 74 -25.91 -3.93 18.84
CA ILE B 74 -26.52 -3.66 17.53
C ILE B 74 -27.98 -3.22 17.67
N LEU B 75 -28.71 -3.85 18.59
CA LEU B 75 -30.06 -3.41 18.92
C LEU B 75 -30.06 -1.97 19.47
N LEU B 76 -29.09 -1.65 20.32
CA LEU B 76 -28.94 -0.29 20.83
C LEU B 76 -28.59 0.71 19.73
N VAL B 77 -27.69 0.32 18.82
CA VAL B 77 -27.39 1.13 17.64
C VAL B 77 -28.62 1.33 16.76
N PHE B 78 -29.46 0.30 16.64
CA PHE B 78 -30.70 0.38 15.88
C PHE B 78 -31.67 1.41 16.47
N TYR B 79 -31.75 1.48 17.80
CA TYR B 79 -32.60 2.49 18.44
C TYR B 79 -31.98 3.88 18.42
N CYS B 80 -30.66 4.01 18.49
CA CYS B 80 -29.99 5.31 18.64
C CYS B 80 -28.88 5.51 17.61
N PRO B 81 -29.21 5.57 16.30
CA PRO B 81 -28.15 5.63 15.27
C PRO B 81 -27.30 6.90 15.31
N THR B 82 -27.82 8.02 15.81
CA THR B 82 -27.01 9.24 15.93
C THR B 82 -26.43 9.44 17.33
N ALA B 83 -26.70 8.51 18.26
CA ALA B 83 -26.36 8.63 19.69
C ALA B 83 -26.91 9.90 20.35
N THR B 84 -28.01 10.45 19.83
CA THR B 84 -28.65 11.58 20.49
C THR B 84 -30.00 11.24 21.11
N GLU B 85 -30.65 10.17 20.65
CA GLU B 85 -31.97 9.81 21.15
C GLU B 85 -31.84 9.19 22.55
N GLN B 86 -32.98 9.01 23.19
CA GLN B 86 -33.03 8.23 24.43
C GLN B 86 -33.70 6.90 24.10
N ALA B 87 -32.98 5.82 24.36
CA ALA B 87 -33.52 4.48 24.23
C ALA B 87 -34.40 4.13 25.43
N PRO B 88 -35.34 3.19 25.27
CA PRO B 88 -35.97 2.57 26.44
C PRO B 88 -34.96 2.01 27.43
N LEU B 89 -35.29 2.18 28.72
CA LEU B 89 -34.41 1.84 29.84
C LEU B 89 -33.93 0.39 29.80
N TRP B 90 -34.81 -0.53 29.38
CA TRP B 90 -34.47 -1.95 29.30
C TRP B 90 -33.35 -2.24 28.29
N ALA B 91 -33.15 -1.39 27.28
CA ALA B 91 -32.05 -1.60 26.33
C ALA B 91 -30.69 -1.40 26.99
N TYR B 92 -30.57 -0.38 27.85
CA TYR B 92 -29.33 -0.21 28.63
C TYR B 92 -29.13 -1.35 29.62
N ILE B 93 -30.22 -1.82 30.25
CA ILE B 93 -30.16 -3.00 31.12
C ILE B 93 -29.70 -4.23 30.34
N ALA B 94 -30.25 -4.42 29.13
CA ALA B 94 -29.85 -5.55 28.29
C ALA B 94 -28.37 -5.49 27.93
N CYS B 95 -27.87 -4.30 27.59
CA CYS B 95 -26.43 -4.11 27.36
C CYS B 95 -25.63 -4.34 28.64
N ALA B 96 -26.12 -3.85 29.78
CA ALA B 96 -25.47 -4.07 31.07
C ALA B 96 -25.41 -5.56 31.42
N CYS B 97 -26.54 -6.25 31.28
CA CYS B 97 -26.57 -7.70 31.51
C CYS B 97 -25.73 -8.44 30.47
N GLY B 98 -25.81 -8.01 29.20
CA GLY B 98 -25.05 -8.64 28.13
C GLY B 98 -23.55 -8.56 28.33
N LEU B 99 -23.05 -7.39 28.74
CA LEU B 99 -21.63 -7.22 29.04
C LEU B 99 -21.21 -8.01 30.26
N PHE B 100 -22.06 -8.07 31.29
CA PHE B 100 -21.78 -8.89 32.46
C PHE B 100 -21.68 -10.39 32.10
N ILE B 101 -22.56 -10.86 31.23
CA ILE B 101 -22.49 -12.24 30.75
C ILE B 101 -21.21 -12.47 29.95
N TYR B 102 -20.90 -11.54 29.04
CA TYR B 102 -19.65 -11.55 28.27
C TYR B 102 -18.40 -11.69 29.15
N GLN B 103 -18.22 -10.74 30.08
CA GLN B 103 -17.09 -10.76 31.02
C GLN B 103 -16.96 -12.08 31.78
N SER B 104 -18.09 -12.63 32.24
CA SER B 104 -18.07 -13.87 33.01
C SER B 104 -17.71 -15.06 32.15
N LEU B 105 -18.20 -15.10 30.92
CA LEU B 105 -17.91 -16.21 30.00
C LEU B 105 -16.48 -16.14 29.45
N ASP B 106 -16.01 -14.94 29.11
CA ASP B 106 -14.62 -14.71 28.70
C ASP B 106 -13.60 -15.18 29.76
N ALA B 107 -13.72 -14.68 30.99
CA ALA B 107 -12.78 -14.97 32.07
C ALA B 107 -12.70 -16.44 32.49
N ILE B 108 -13.68 -17.28 32.13
CA ILE B 108 -13.63 -18.69 32.54
C ILE B 108 -13.15 -19.63 31.43
N ASP B 109 -13.01 -19.16 30.19
CA ASP B 109 -12.69 -20.04 29.07
C ASP B 109 -11.29 -20.67 29.18
N GLY B 110 -10.28 -19.89 29.55
CA GLY B 110 -8.96 -20.48 29.77
C GLY B 110 -8.86 -21.37 30.99
N LYS B 111 -9.64 -21.07 32.04
CA LYS B 111 -9.73 -21.97 33.18
C LYS B 111 -10.42 -23.29 32.82
N GLN B 112 -11.48 -23.23 32.02
CA GLN B 112 -12.14 -24.43 31.52
C GLN B 112 -11.21 -25.22 30.61
N ALA B 113 -10.44 -24.52 29.77
CA ALA B 113 -9.47 -25.13 28.86
C ALA B 113 -8.42 -25.94 29.62
N ARG B 114 -7.90 -25.40 30.73
CA ARG B 114 -6.97 -26.13 31.57
C ARG B 114 -7.62 -27.35 32.23
N ARG B 115 -8.83 -27.20 32.77
CA ARG B 115 -9.53 -28.31 33.41
C ARG B 115 -9.79 -29.50 32.49
N THR B 116 -10.04 -29.27 31.21
CA THR B 116 -10.37 -30.33 30.27
C THR B 116 -9.20 -30.75 29.39
N ASN B 117 -7.99 -30.23 29.66
CA ASN B 117 -6.74 -30.41 28.87
C ASN B 117 -6.90 -30.10 27.37
N SER B 118 -7.67 -29.05 27.08
CA SER B 118 -7.93 -28.63 25.71
C SER B 118 -7.29 -27.31 25.38
N SER B 119 -6.39 -26.81 26.23
CA SER B 119 -5.57 -25.64 25.94
C SER B 119 -4.81 -25.85 24.63
N SER B 120 -4.92 -24.88 23.72
CA SER B 120 -4.29 -25.00 22.42
C SER B 120 -3.97 -23.59 21.91
N PRO B 121 -2.99 -23.44 21.00
CA PRO B 121 -2.82 -22.13 20.33
C PRO B 121 -4.03 -21.58 19.58
N LEU B 122 -4.90 -22.44 19.02
CA LEU B 122 -6.14 -21.95 18.40
C LEU B 122 -7.00 -21.20 19.40
N GLY B 123 -7.09 -21.69 20.63
CA GLY B 123 -7.89 -21.01 21.64
C GLY B 123 -7.38 -19.63 21.99
N GLU B 124 -6.06 -19.52 22.20
CA GLU B 124 -5.44 -18.22 22.46
C GLU B 124 -5.60 -17.23 21.31
N LEU B 125 -5.39 -17.68 20.07
CA LEU B 125 -5.61 -16.80 18.91
C LEU B 125 -7.08 -16.39 18.78
N PHE B 126 -8.00 -17.33 19.02
CA PHE B 126 -9.43 -17.05 18.89
C PHE B 126 -9.92 -16.07 19.96
N ASP B 127 -9.48 -16.27 21.21
CA ASP B 127 -9.80 -15.39 22.33
C ASP B 127 -9.43 -13.93 22.07
N HIS B 128 -8.13 -13.63 21.90
CA HIS B 128 -7.72 -12.25 21.63
C HIS B 128 -8.32 -11.70 20.34
N GLY B 129 -8.59 -12.58 19.37
CA GLY B 129 -9.29 -12.16 18.17
C GLY B 129 -10.74 -11.83 18.43
N CYS B 130 -11.37 -12.54 19.37
CA CYS B 130 -12.73 -12.23 19.80
C CYS B 130 -12.79 -11.00 20.68
N ASP B 131 -11.83 -10.83 21.59
CA ASP B 131 -11.73 -9.64 22.43
C ASP B 131 -11.60 -8.36 21.60
N SER B 132 -10.80 -8.42 20.54
CA SER B 132 -10.60 -7.28 19.63
C SER B 132 -11.90 -6.82 18.96
N LEU B 133 -12.77 -7.75 18.59
CA LEU B 133 -14.03 -7.33 18.01
C LEU B 133 -14.99 -6.79 19.07
N SER B 134 -15.11 -7.49 20.21
CA SER B 134 -15.97 -7.05 21.32
C SER B 134 -15.68 -5.64 21.85
N THR B 135 -14.39 -5.28 22.02
CA THR B 135 -13.99 -3.94 22.49
C THR B 135 -14.60 -2.80 21.67
N VAL B 136 -14.67 -2.94 20.35
CA VAL B 136 -15.28 -1.95 19.45
C VAL B 136 -16.74 -1.70 19.84
N PHE B 137 -17.48 -2.78 20.10
CA PHE B 137 -18.89 -2.67 20.49
C PHE B 137 -19.04 -2.09 21.89
N VAL B 138 -18.10 -2.40 22.78
CA VAL B 138 -18.14 -1.88 24.16
C VAL B 138 -17.99 -0.36 24.18
N VAL B 139 -17.00 0.19 23.45
CA VAL B 139 -16.82 1.65 23.46
C VAL B 139 -17.98 2.35 22.75
N LEU B 140 -18.51 1.77 21.67
CA LEU B 140 -19.66 2.35 20.98
C LEU B 140 -20.91 2.33 21.85
N GLY B 141 -21.20 1.18 22.47
CA GLY B 141 -22.34 1.08 23.38
C GLY B 141 -22.25 2.03 24.55
N THR B 142 -21.05 2.21 25.11
CA THR B 142 -20.81 3.17 26.17
C THR B 142 -21.12 4.60 25.72
N CYS B 143 -20.65 4.99 24.53
CA CYS B 143 -20.90 6.32 23.99
C CYS B 143 -22.39 6.58 23.75
N ILE B 144 -23.13 5.57 23.31
CA ILE B 144 -24.57 5.72 23.18
C ILE B 144 -25.21 5.90 24.55
N ALA B 145 -24.79 5.08 25.51
CA ALA B 145 -25.33 5.12 26.88
C ALA B 145 -25.12 6.48 27.54
N VAL B 146 -23.99 7.15 27.26
CA VAL B 146 -23.74 8.46 27.83
C VAL B 146 -24.13 9.61 26.90
N GLN B 147 -24.69 9.30 25.73
CA GLN B 147 -25.05 10.27 24.68
C GLN B 147 -23.91 11.21 24.27
N LEU B 148 -22.74 10.64 24.03
CA LEU B 148 -21.54 11.39 23.67
C LEU B 148 -21.57 11.93 22.24
N GLY B 149 -22.55 11.53 21.43
CA GLY B 149 -22.77 12.09 20.09
C GLY B 149 -23.04 13.59 20.02
N THR B 150 -23.50 14.21 21.10
CA THR B 150 -23.62 15.67 21.12
C THR B 150 -22.27 16.40 21.14
N ASN B 151 -21.16 15.70 21.34
CA ASN B 151 -19.82 16.29 21.33
C ASN B 151 -18.89 15.40 20.51
N PRO B 152 -19.03 15.42 19.16
CA PRO B 152 -18.33 14.47 18.27
C PRO B 152 -16.82 14.37 18.44
N ASP B 153 -16.13 15.50 18.66
CA ASP B 153 -14.68 15.47 18.88
C ASP B 153 -14.31 14.63 20.10
N TRP B 154 -15.10 14.75 21.18
CA TRP B 154 -14.88 13.90 22.35
C TRP B 154 -15.24 12.44 22.04
N MET B 155 -16.33 12.22 21.30
CA MET B 155 -16.73 10.89 20.87
C MET B 155 -15.68 10.24 19.97
N PHE B 156 -15.16 10.98 19.00
CA PHE B 156 -14.09 10.49 18.14
C PHE B 156 -12.84 10.11 18.93
N PHE B 157 -12.34 11.02 19.76
CA PHE B 157 -11.14 10.77 20.56
C PHE B 157 -11.29 9.55 21.47
N CYS B 158 -12.36 9.51 22.26
CA CYS B 158 -12.56 8.44 23.25
C CYS B 158 -12.69 7.05 22.63
N CYS B 159 -13.43 6.93 21.53
CA CYS B 159 -13.60 5.62 20.88
C CYS B 159 -12.29 5.11 20.31
N PHE B 160 -11.55 5.98 19.61
CA PHE B 160 -10.28 5.60 19.02
C PHE B 160 -9.17 5.47 20.05
N ALA B 161 -9.23 6.23 21.14
CA ALA B 161 -8.27 6.03 22.24
C ALA B 161 -8.40 4.64 22.85
N GLY B 162 -9.64 4.19 23.11
CA GLY B 162 -9.86 2.85 23.65
C GLY B 162 -9.33 1.73 22.77
N THR B 163 -9.60 1.82 21.46
CA THR B 163 -9.04 0.83 20.54
C THR B 163 -7.51 0.88 20.53
N PHE B 164 -6.92 2.09 20.61
CA PHE B 164 -5.47 2.25 20.64
C PHE B 164 -4.84 1.67 21.91
N MET B 165 -5.46 1.85 23.08
CA MET B 165 -4.95 1.23 24.30
C MET B 165 -4.97 -0.30 24.20
N PHE B 166 -6.08 -0.86 23.69
CA PHE B 166 -6.17 -2.30 23.48
C PHE B 166 -5.13 -2.79 22.49
N TYR B 167 -4.91 -2.03 21.41
CA TYR B 167 -3.82 -2.32 20.47
C TYR B 167 -2.46 -2.24 21.16
N CYS B 168 -2.25 -1.22 21.99
CA CYS B 168 -0.99 -1.02 22.71
C CYS B 168 -0.68 -2.17 23.67
N ALA B 169 -1.71 -2.75 24.29
CA ALA B 169 -1.52 -3.93 25.12
C ALA B 169 -0.95 -5.10 24.31
N HIS B 170 -1.44 -5.30 23.10
CA HIS B 170 -0.91 -6.33 22.22
C HIS B 170 0.44 -5.92 21.64
N TRP B 171 0.65 -4.62 21.43
CA TRP B 171 1.95 -4.12 21.00
C TRP B 171 2.99 -4.41 22.08
N GLN B 172 2.66 -4.09 23.34
CA GLN B 172 3.48 -4.45 24.50
C GLN B 172 3.77 -5.95 24.53
N THR B 173 2.77 -6.78 24.21
CA THR B 173 2.98 -8.21 24.18
C THR B 173 3.90 -8.61 23.03
N TYR B 174 3.72 -7.97 21.87
CA TYR B 174 4.64 -8.14 20.74
C TYR B 174 6.06 -7.69 21.07
N VAL B 175 6.24 -6.68 21.91
CA VAL B 175 7.59 -6.27 22.26
C VAL B 175 8.18 -7.18 23.33
N SER B 176 7.45 -7.41 24.42
CA SER B 176 8.04 -8.06 25.59
C SER B 176 7.80 -9.55 25.65
N GLY B 177 6.91 -10.11 24.83
CA GLY B 177 6.62 -11.53 24.91
C GLY B 177 5.71 -11.94 26.04
N THR B 178 5.26 -11.00 26.88
CA THR B 178 4.48 -11.30 28.08
C THR B 178 3.36 -10.29 28.19
N LEU B 179 2.13 -10.78 28.39
CA LEU B 179 1.00 -9.91 28.69
C LEU B 179 1.09 -9.39 30.12
N ARG B 180 1.17 -8.07 30.27
CA ARG B 180 1.34 -7.42 31.56
C ARG B 180 0.08 -6.66 31.92
N PHE B 181 -0.52 -7.00 33.06
CA PHE B 181 -1.71 -6.32 33.56
C PHE B 181 -1.33 -5.17 34.48
N GLY B 182 -2.01 -4.02 34.30
CA GLY B 182 -1.84 -2.88 35.17
C GLY B 182 -2.70 -2.95 36.42
N ILE B 183 -2.55 -1.91 37.26
CA ILE B 183 -3.41 -1.75 38.42
C ILE B 183 -4.85 -1.44 38.02
N ILE B 184 -5.03 -0.58 37.01
CA ILE B 184 -6.32 -0.34 36.40
C ILE B 184 -6.29 -1.03 35.03
N ASP B 185 -7.12 -2.05 34.87
CA ASP B 185 -7.14 -2.83 33.64
C ASP B 185 -8.59 -3.12 33.26
N VAL B 186 -8.74 -4.10 32.34
CA VAL B 186 -10.01 -4.51 31.73
C VAL B 186 -11.13 -4.74 32.75
N THR B 187 -10.79 -5.36 33.89
CA THR B 187 -11.79 -5.66 34.92
C THR B 187 -12.44 -4.39 35.47
N GLU B 188 -11.62 -3.42 35.88
CA GLU B 188 -12.14 -2.17 36.43
C GLU B 188 -12.89 -1.36 35.38
N VAL B 189 -12.38 -1.32 34.15
CA VAL B 189 -13.05 -0.56 33.08
C VAL B 189 -14.42 -1.13 32.73
N GLN B 190 -14.49 -2.45 32.75
CA GLN B 190 -15.76 -3.06 32.31
C GLN B 190 -16.78 -2.90 33.43
N ILE B 191 -16.41 -3.12 34.67
CA ILE B 191 -17.31 -2.92 35.81
C ILE B 191 -17.80 -1.47 35.89
N PHE B 192 -16.91 -0.49 35.68
CA PHE B 192 -17.31 0.92 35.64
C PHE B 192 -18.33 1.20 34.53
N ILE B 193 -18.14 0.60 33.36
CA ILE B 193 -19.11 0.76 32.27
C ILE B 193 -20.47 0.11 32.60
N ILE B 194 -20.46 -1.06 33.24
CA ILE B 194 -21.72 -1.68 33.70
C ILE B 194 -22.49 -0.80 34.67
N ILE B 195 -21.81 -0.24 35.69
CA ILE B 195 -22.46 0.69 36.64
C ILE B 195 -23.00 1.94 35.94
N MET B 196 -22.22 2.48 34.98
CA MET B 196 -22.60 3.66 34.20
C MET B 196 -23.90 3.48 33.44
N HIS B 197 -24.14 2.30 32.87
CA HIS B 197 -25.42 2.04 32.21
C HIS B 197 -26.61 2.11 33.18
N LEU B 198 -26.47 1.62 34.42
CA LEU B 198 -27.57 1.76 35.39
C LEU B 198 -27.85 3.21 35.81
N LEU B 199 -26.85 4.08 35.96
CA LEU B 199 -27.17 5.48 36.21
C LEU B 199 -27.87 6.12 35.01
N ALA B 200 -27.50 5.73 33.80
CA ALA B 200 -28.23 6.17 32.61
C ALA B 200 -29.68 5.68 32.62
N VAL B 201 -29.95 4.53 33.25
CA VAL B 201 -31.32 4.09 33.43
C VAL B 201 -32.04 4.97 34.45
N ILE B 202 -31.38 5.22 35.58
CA ILE B 202 -32.02 5.93 36.69
C ILE B 202 -32.19 7.42 36.38
N GLY B 203 -31.16 8.05 35.83
CA GLY B 203 -31.21 9.50 35.69
C GLY B 203 -31.48 10.05 34.30
N GLY B 204 -31.26 9.23 33.28
CA GLY B 204 -31.42 9.62 31.89
C GLY B 204 -30.58 10.80 31.41
N PRO B 205 -30.98 11.35 30.26
CA PRO B 205 -30.36 12.61 29.74
C PRO B 205 -30.34 13.79 30.69
N PRO B 206 -31.41 14.10 31.50
CA PRO B 206 -31.27 15.26 32.42
C PRO B 206 -30.13 15.16 33.42
N PHE B 207 -29.88 13.96 33.93
CA PHE B 207 -28.76 13.71 34.83
C PHE B 207 -27.43 13.96 34.12
N TRP B 208 -27.26 13.38 32.92
CA TRP B 208 -26.04 13.51 32.14
C TRP B 208 -25.80 14.91 31.60
N GLN B 209 -26.86 15.70 31.42
CA GLN B 209 -26.73 17.08 30.96
C GLN B 209 -26.47 18.09 32.08
N SER B 210 -26.63 17.70 33.35
CA SER B 210 -26.36 18.58 34.47
C SER B 210 -24.89 19.01 34.51
N MET B 211 -24.67 20.24 34.94
CA MET B 211 -23.34 20.84 35.05
C MET B 211 -22.68 20.56 36.41
N ILE B 212 -21.41 20.20 36.36
CA ILE B 212 -20.56 20.11 37.56
C ILE B 212 -20.15 21.51 38.02
N PRO B 213 -20.67 21.98 39.17
CA PRO B 213 -20.58 23.40 39.54
C PRO B 213 -19.16 23.96 39.70
N VAL B 214 -18.20 23.15 40.14
CA VAL B 214 -16.86 23.64 40.39
C VAL B 214 -16.05 23.85 39.12
N LEU B 215 -16.28 23.05 38.08
CA LEU B 215 -15.45 23.09 36.89
C LEU B 215 -16.08 23.84 35.73
N ASN B 216 -17.40 24.08 35.80
CA ASN B 216 -18.21 24.66 34.72
C ASN B 216 -18.07 23.88 33.41
N ILE B 217 -18.00 22.56 33.52
CA ILE B 217 -17.99 21.65 32.39
C ILE B 217 -19.18 20.72 32.62
N GLN B 218 -19.78 20.22 31.55
CA GLN B 218 -20.83 19.23 31.75
C GLN B 218 -20.25 17.91 32.26
N MET B 219 -21.03 17.26 33.15
CA MET B 219 -20.66 15.98 33.75
C MET B 219 -20.46 14.90 32.67
N LYS B 220 -21.19 15.01 31.57
CA LYS B 220 -21.06 14.14 30.41
C LYS B 220 -19.64 14.15 29.82
N ILE B 221 -18.89 15.22 30.02
CA ILE B 221 -17.52 15.33 29.53
C ILE B 221 -16.54 14.60 30.47
N PHE B 222 -16.92 14.38 31.74
CA PHE B 222 -16.08 13.71 32.74
C PHE B 222 -15.66 12.28 32.36
N PRO B 223 -16.57 11.35 31.93
CA PRO B 223 -16.06 10.05 31.42
C PRO B 223 -15.08 10.19 30.26
N ALA B 224 -15.27 11.19 29.41
CA ALA B 224 -14.32 11.44 28.32
C ALA B 224 -12.99 11.92 28.89
N LEU B 225 -13.05 12.78 29.92
CA LEU B 225 -11.85 13.18 30.66
C LEU B 225 -11.22 12.00 31.39
N CYS B 226 -12.06 11.11 31.94
CA CYS B 226 -11.57 9.84 32.50
C CYS B 226 -10.87 8.99 31.45
N THR B 227 -11.38 9.02 30.21
CA THR B 227 -10.72 8.32 29.10
C THR B 227 -9.35 8.94 28.82
N VAL B 228 -9.24 10.28 28.88
CA VAL B 228 -7.96 10.96 28.74
C VAL B 228 -7.00 10.51 29.85
N ALA B 229 -7.45 10.57 31.10
CA ALA B 229 -6.63 10.18 32.26
C ALA B 229 -6.22 8.70 32.16
N GLY B 230 -7.16 7.86 31.76
CA GLY B 230 -6.86 6.45 31.52
C GLY B 230 -5.83 6.23 30.43
N THR B 231 -5.92 7.02 29.34
CA THR B 231 -4.95 6.94 28.24
C THR B 231 -3.52 7.25 28.70
N ILE B 232 -3.31 8.33 29.47
CA ILE B 232 -1.96 8.65 29.97
C ILE B 232 -1.41 7.53 30.83
N PHE B 233 -2.23 7.02 31.76
CA PHE B 233 -1.81 5.94 32.66
C PHE B 233 -1.46 4.67 31.88
N SER B 234 -2.35 4.23 31.00
CA SER B 234 -2.13 3.01 30.23
C SER B 234 -0.93 3.13 29.27
N CYS B 235 -0.81 4.25 28.56
CA CYS B 235 0.33 4.47 27.68
C CYS B 235 1.67 4.51 28.43
N THR B 236 1.71 5.18 29.59
CA THR B 236 2.92 5.26 30.42
C THR B 236 3.44 3.88 30.82
N ASN B 237 2.54 2.97 31.22
CA ASN B 237 2.97 1.61 31.56
C ASN B 237 3.45 0.84 30.35
N TYR B 238 2.69 0.87 29.25
CA TYR B 238 3.12 0.19 28.03
C TYR B 238 4.42 0.75 27.45
N PHE B 239 4.51 2.08 27.28
CA PHE B 239 5.69 2.72 26.66
C PHE B 239 6.99 2.62 27.45
N ARG B 240 6.97 2.62 28.79
CA ARG B 240 8.17 2.32 29.58
C ARG B 240 8.75 0.96 29.17
N VAL B 241 7.89 -0.05 29.08
CA VAL B 241 8.27 -1.41 28.70
C VAL B 241 8.69 -1.45 27.22
N ILE B 242 8.02 -0.66 26.37
CA ILE B 242 8.34 -0.58 24.95
C ILE B 242 9.79 -0.11 24.74
N PHE B 243 10.23 0.86 25.53
CA PHE B 243 11.59 1.37 25.36
C PHE B 243 12.66 0.54 26.04
N THR B 244 12.32 -0.23 27.09
CA THR B 244 13.34 -0.98 27.83
C THR B 244 13.20 -2.49 27.80
N GLY B 245 12.10 -3.04 27.29
CA GLY B 245 11.82 -4.45 27.50
C GLY B 245 11.93 -5.36 26.30
N GLY B 246 12.57 -4.89 25.22
CA GLY B 246 12.73 -5.70 24.03
C GLY B 246 13.61 -6.91 24.24
N VAL B 247 13.06 -8.10 23.99
CA VAL B 247 13.80 -9.35 24.20
C VAL B 247 14.55 -9.82 22.97
N GLY B 248 14.36 -9.18 21.82
CA GLY B 248 15.08 -9.56 20.61
C GLY B 248 16.51 -9.06 20.60
N LYS B 249 17.21 -9.43 19.53
CA LYS B 249 18.58 -8.99 19.28
C LYS B 249 18.73 -7.47 19.29
N ASN B 250 19.70 -6.99 20.08
CA ASN B 250 20.02 -5.57 20.28
C ASN B 250 18.84 -4.77 20.83
N GLY B 251 17.98 -5.42 21.62
CA GLY B 251 16.82 -4.79 22.20
C GLY B 251 15.65 -4.56 21.26
N SER B 252 15.61 -5.25 20.12
CA SER B 252 14.47 -5.20 19.21
C SER B 252 13.33 -6.04 19.76
N THR B 253 12.20 -6.06 19.04
CA THR B 253 11.12 -6.97 19.38
C THR B 253 11.56 -8.43 19.23
N ILE B 254 10.74 -9.32 19.77
CA ILE B 254 10.94 -10.77 19.66
C ILE B 254 10.98 -11.26 18.20
N ALA B 255 10.35 -10.54 17.27
CA ALA B 255 10.43 -10.90 15.87
C ALA B 255 11.63 -10.30 15.15
N GLY B 256 12.44 -9.52 15.85
CA GLY B 256 13.57 -8.84 15.23
C GLY B 256 13.25 -7.60 14.43
N THR B 257 12.03 -7.09 14.49
CA THR B 257 11.68 -5.86 13.80
C THR B 257 11.84 -4.66 14.72
N SER B 258 11.91 -3.47 14.11
CA SER B 258 11.91 -2.21 14.85
C SER B 258 10.75 -2.13 15.83
N VAL B 259 11.05 -1.63 17.04
CA VAL B 259 10.01 -1.38 18.05
C VAL B 259 8.97 -0.34 17.63
N LEU B 260 9.24 0.48 16.62
CA LEU B 260 8.25 1.43 16.14
C LEU B 260 7.35 0.89 15.04
N SER B 261 7.61 -0.31 14.52
CA SER B 261 6.80 -0.83 13.40
C SER B 261 5.29 -0.99 13.68
N PRO B 262 4.80 -1.39 14.87
CA PRO B 262 3.33 -1.44 15.03
C PRO B 262 2.66 -0.08 15.06
N PHE B 263 3.38 0.98 15.45
CA PHE B 263 2.85 2.34 15.49
C PHE B 263 2.28 2.78 14.13
N LEU B 264 2.98 2.44 13.05
CA LEU B 264 2.56 2.83 11.70
C LEU B 264 1.19 2.28 11.34
N HIS B 265 0.85 1.07 11.80
CA HIS B 265 -0.41 0.44 11.45
C HIS B 265 -1.58 1.11 12.14
N ILE B 266 -1.55 1.19 13.48
CA ILE B 266 -2.63 1.81 14.24
C ILE B 266 -2.65 3.32 13.98
N GLY B 267 -1.48 3.92 13.77
CA GLY B 267 -1.42 5.33 13.41
C GLY B 267 -2.12 5.64 12.11
N SER B 268 -1.90 4.81 11.08
CA SER B 268 -2.62 4.93 9.81
C SER B 268 -4.13 4.82 9.97
N VAL B 269 -4.62 3.90 10.81
CA VAL B 269 -6.06 3.76 11.06
C VAL B 269 -6.61 5.03 11.68
N ILE B 270 -5.96 5.52 12.74
CA ILE B 270 -6.40 6.71 13.44
C ILE B 270 -6.30 7.95 12.56
N THR B 271 -5.21 8.07 11.79
CA THR B 271 -5.03 9.21 10.88
C THR B 271 -6.08 9.24 9.76
N LEU B 272 -6.36 8.09 9.13
CA LEU B 272 -7.42 8.01 8.10
C LEU B 272 -8.78 8.41 8.64
N ALA B 273 -9.13 7.92 9.83
CA ALA B 273 -10.37 8.32 10.48
C ALA B 273 -10.42 9.83 10.74
N ALA B 274 -9.29 10.43 11.14
CA ALA B 274 -9.24 11.87 11.40
C ALA B 274 -9.33 12.71 10.13
N MET B 275 -8.64 12.30 9.06
CA MET B 275 -8.73 13.03 7.79
C MET B 275 -10.14 13.00 7.21
N ILE B 276 -10.76 11.82 7.18
CA ILE B 276 -12.11 11.67 6.62
C ILE B 276 -13.15 12.45 7.43
N TYR B 277 -13.01 12.44 8.77
CA TYR B 277 -13.84 13.27 9.65
C TYR B 277 -13.72 14.76 9.32
N LYS B 278 -12.50 15.31 9.36
CA LYS B 278 -12.34 16.75 9.24
C LYS B 278 -12.58 17.30 7.83
N LYS B 279 -12.51 16.45 6.81
CA LYS B 279 -12.72 16.89 5.43
C LYS B 279 -14.16 16.74 4.94
N SER B 280 -14.99 15.92 5.62
CA SER B 280 -16.36 15.64 5.18
C SER B 280 -17.20 16.91 5.03
N ALA B 281 -17.68 17.14 3.80
CA ALA B 281 -18.54 18.28 3.53
C ALA B 281 -19.95 18.10 4.04
N VAL B 282 -20.40 16.85 4.22
CA VAL B 282 -21.76 16.59 4.67
C VAL B 282 -21.81 16.33 6.18
N GLN B 283 -20.65 16.43 6.86
CA GLN B 283 -20.50 16.13 8.31
C GLN B 283 -20.95 14.70 8.61
N LEU B 284 -20.39 13.75 7.85
CA LEU B 284 -20.80 12.34 7.86
C LEU B 284 -20.77 11.71 9.26
N PHE B 285 -19.72 12.00 10.03
CA PHE B 285 -19.63 11.43 11.37
C PHE B 285 -20.68 12.01 12.31
N GLU B 286 -20.93 13.32 12.24
CA GLU B 286 -21.91 13.92 13.15
C GLU B 286 -23.34 13.43 12.91
N LYS B 287 -23.72 13.18 11.65
CA LYS B 287 -25.04 12.64 11.36
C LYS B 287 -25.13 11.12 11.56
N HIS B 288 -24.05 10.38 11.33
CA HIS B 288 -24.07 8.92 11.37
C HIS B 288 -22.93 8.30 12.18
N PRO B 289 -22.77 8.67 13.48
CA PRO B 289 -21.56 8.27 14.22
C PRO B 289 -21.40 6.77 14.46
N CYS B 290 -22.49 6.08 14.79
CA CYS B 290 -22.43 4.64 15.06
C CYS B 290 -22.01 3.84 13.83
N LEU B 291 -22.57 4.17 12.67
CA LEU B 291 -22.19 3.51 11.41
C LEU B 291 -20.71 3.77 11.09
N TYR B 292 -20.24 4.99 11.33
CA TYR B 292 -18.83 5.35 11.13
C TYR B 292 -17.90 4.57 12.05
N ILE B 293 -18.21 4.54 13.36
CA ILE B 293 -17.40 3.81 14.33
C ILE B 293 -17.34 2.31 14.02
N LEU B 294 -18.47 1.72 13.61
CA LEU B 294 -18.49 0.31 13.21
C LEU B 294 -17.60 0.04 12.00
N THR B 295 -17.63 0.92 10.99
CA THR B 295 -16.80 0.76 9.80
C THR B 295 -15.31 0.73 10.15
N PHE B 296 -14.82 1.77 10.81
CA PHE B 296 -13.41 1.83 11.20
C PHE B 296 -13.08 0.89 12.36
N GLY B 297 -14.08 0.52 13.16
CA GLY B 297 -13.87 -0.49 14.19
C GLY B 297 -13.50 -1.86 13.64
N PHE B 298 -14.21 -2.30 12.59
CA PHE B 298 -13.86 -3.56 11.95
C PHE B 298 -12.47 -3.52 11.30
N VAL B 299 -12.12 -2.38 10.67
CA VAL B 299 -10.77 -2.17 10.16
C VAL B 299 -9.74 -2.27 11.29
N SER B 300 -9.99 -1.56 12.39
CA SER B 300 -9.07 -1.55 13.53
C SER B 300 -8.96 -2.92 14.18
N ALA B 301 -10.09 -3.62 14.36
CA ALA B 301 -10.11 -4.97 14.92
C ALA B 301 -9.29 -5.95 14.10
N LYS B 302 -9.40 -5.91 12.77
CA LYS B 302 -8.60 -6.77 11.90
C LYS B 302 -7.10 -6.49 12.04
N ILE B 303 -6.72 -5.21 12.06
CA ILE B 303 -5.31 -4.82 12.22
C ILE B 303 -4.77 -5.30 13.56
N THR B 304 -5.59 -5.21 14.61
CA THR B 304 -5.25 -5.83 15.90
C THR B 304 -5.09 -7.34 15.78
N ASN B 305 -6.02 -8.01 15.07
CA ASN B 305 -5.94 -9.46 14.89
C ASN B 305 -4.71 -9.89 14.11
N LYS B 306 -4.26 -9.08 13.14
CA LYS B 306 -2.99 -9.33 12.48
C LYS B 306 -1.82 -9.20 13.44
N LEU B 307 -1.89 -8.25 14.38
CA LEU B 307 -0.85 -8.12 15.41
C LEU B 307 -0.82 -9.36 16.31
N VAL B 308 -1.99 -9.89 16.69
CA VAL B 308 -2.05 -11.14 17.45
C VAL B 308 -1.41 -12.26 16.64
N VAL B 309 -1.80 -12.39 15.37
CA VAL B 309 -1.18 -13.37 14.46
C VAL B 309 0.32 -13.13 14.33
N ALA B 310 0.75 -11.87 14.18
CA ALA B 310 2.18 -11.56 14.07
C ALA B 310 2.92 -11.96 15.34
N HIS B 311 2.29 -11.74 16.50
CA HIS B 311 2.82 -12.24 17.76
C HIS B 311 2.91 -13.77 17.75
N MET B 312 1.79 -14.43 17.46
CA MET B 312 1.72 -15.89 17.56
C MET B 312 2.60 -16.59 16.52
N THR B 313 2.82 -15.96 15.37
CA THR B 313 3.70 -16.52 14.34
C THR B 313 5.14 -15.98 14.37
N LYS B 314 5.46 -15.07 15.30
CA LYS B 314 6.77 -14.40 15.40
C LYS B 314 7.22 -13.79 14.06
N SER B 315 6.29 -13.12 13.39
CA SER B 315 6.53 -12.55 12.07
C SER B 315 6.43 -11.03 12.08
N GLU B 316 7.00 -10.42 11.05
CA GLU B 316 6.90 -8.99 10.80
C GLU B 316 5.46 -8.63 10.44
N MET B 317 5.12 -7.35 10.62
CA MET B 317 3.86 -6.83 10.13
C MET B 317 4.02 -6.12 8.79
N HIS B 318 3.22 -6.53 7.80
CA HIS B 318 3.16 -5.82 6.52
C HIS B 318 2.14 -4.70 6.61
N LEU B 319 2.55 -3.48 6.23
CA LEU B 319 1.67 -2.32 6.29
C LEU B 319 0.52 -2.42 5.28
N HIS B 320 0.81 -2.98 4.10
CA HIS B 320 -0.18 -3.19 3.05
C HIS B 320 -1.20 -4.29 3.40
N ASP B 321 -2.44 -3.89 3.60
CA ASP B 321 -3.49 -4.85 3.90
C ASP B 321 -4.79 -4.43 3.23
N THR B 322 -5.58 -5.43 2.83
CA THR B 322 -6.90 -5.21 2.23
C THR B 322 -7.89 -4.51 3.15
N ALA B 323 -7.67 -4.55 4.47
CA ALA B 323 -8.51 -3.83 5.44
C ALA B 323 -8.63 -2.33 5.15
N PHE B 324 -7.61 -1.73 4.53
CA PHE B 324 -7.62 -0.30 4.22
C PHE B 324 -8.39 0.05 2.96
N ILE B 325 -8.87 -0.94 2.19
CA ILE B 325 -9.61 -0.68 0.96
C ILE B 325 -10.91 0.08 1.26
N GLY B 326 -11.65 -0.36 2.29
CA GLY B 326 -12.87 0.26 2.74
C GLY B 326 -12.69 1.74 3.12
N PRO B 327 -11.77 2.06 4.05
CA PRO B 327 -11.44 3.47 4.31
C PRO B 327 -10.99 4.22 3.07
N ALA B 328 -10.24 3.58 2.18
CA ALA B 328 -9.79 4.19 0.93
C ALA B 328 -10.96 4.56 0.02
N LEU B 329 -12.00 3.73 -0.02
CA LEU B 329 -13.21 4.06 -0.78
C LEU B 329 -13.82 5.36 -0.27
N LEU B 330 -13.93 5.50 1.05
CA LEU B 330 -14.40 6.75 1.66
C LEU B 330 -13.45 7.89 1.32
N PHE B 331 -12.15 7.63 1.43
CA PHE B 331 -11.08 8.58 1.15
C PHE B 331 -11.05 9.05 -0.31
N LEU B 332 -11.21 8.14 -1.28
CA LEU B 332 -11.21 8.54 -2.69
C LEU B 332 -12.46 9.34 -3.06
N ASP B 333 -13.62 8.92 -2.56
CA ASP B 333 -14.89 9.62 -2.77
C ASP B 333 -14.86 11.05 -2.27
N GLN B 334 -14.41 11.26 -1.04
CA GLN B 334 -14.23 12.61 -0.49
C GLN B 334 -13.18 13.43 -1.23
N TYR B 335 -12.22 12.78 -1.89
CA TYR B 335 -11.25 13.48 -2.73
C TYR B 335 -11.90 14.03 -4.00
N PHE B 336 -12.89 13.34 -4.56
CA PHE B 336 -13.58 13.85 -5.75
C PHE B 336 -14.84 14.66 -5.45
N ASN B 337 -14.81 15.44 -4.35
CA ASN B 337 -15.89 16.33 -3.92
C ASN B 337 -17.20 15.59 -3.69
N SER B 338 -17.10 14.37 -3.17
CA SER B 338 -18.21 13.48 -2.78
C SER B 338 -19.19 13.28 -3.94
N PHE B 339 -18.66 12.77 -5.06
CA PHE B 339 -19.48 12.53 -6.24
C PHE B 339 -20.61 11.53 -5.96
N ILE B 340 -20.36 10.57 -5.08
CA ILE B 340 -21.43 9.74 -4.54
C ILE B 340 -21.63 10.26 -3.12
N ASP B 341 -22.86 10.17 -2.60
CA ASP B 341 -23.18 10.46 -1.21
C ASP B 341 -22.36 9.55 -0.31
N GLU B 342 -21.51 10.15 0.55
CA GLU B 342 -20.63 9.47 1.49
C GLU B 342 -21.34 8.46 2.39
N TYR B 343 -22.61 8.71 2.69
CA TYR B 343 -23.42 7.78 3.47
C TYR B 343 -23.59 6.45 2.74
N ILE B 344 -23.81 6.49 1.42
CA ILE B 344 -23.89 5.26 0.64
C ILE B 344 -22.53 4.56 0.60
N VAL B 345 -21.46 5.34 0.39
CA VAL B 345 -20.09 4.81 0.38
C VAL B 345 -19.71 4.20 1.74
N LEU B 346 -20.16 4.84 2.83
CA LEU B 346 -19.92 4.32 4.18
C LEU B 346 -20.57 2.96 4.40
N TRP B 347 -21.82 2.79 3.91
CA TRP B 347 -22.45 1.47 3.94
C TRP B 347 -21.68 0.45 3.11
N ILE B 348 -21.21 0.85 1.93
CA ILE B 348 -20.36 -0.01 1.10
C ILE B 348 -19.08 -0.36 1.84
N ALA B 349 -18.45 0.64 2.47
CA ALA B 349 -17.23 0.41 3.23
C ALA B 349 -17.46 -0.48 4.45
N LEU B 350 -18.59 -0.31 5.14
CA LEU B 350 -18.96 -1.19 6.24
C LEU B 350 -19.08 -2.65 5.81
N VAL B 351 -19.92 -2.91 4.80
CA VAL B 351 -20.20 -4.27 4.34
C VAL B 351 -18.92 -4.97 3.88
N PHE B 352 -18.10 -4.27 3.09
CA PHE B 352 -16.80 -4.80 2.65
C PHE B 352 -15.90 -5.14 3.84
N SER B 353 -15.69 -4.18 4.75
CA SER B 353 -14.80 -4.37 5.90
C SER B 353 -15.27 -5.50 6.82
N PHE B 354 -16.58 -5.61 7.02
CA PHE B 354 -17.13 -6.71 7.80
C PHE B 354 -16.84 -8.06 7.15
N PHE B 355 -17.18 -8.21 5.87
CA PHE B 355 -16.94 -9.45 5.14
C PHE B 355 -15.45 -9.80 5.04
N ASP B 356 -14.60 -8.79 4.83
CA ASP B 356 -13.15 -8.99 4.74
C ASP B 356 -12.59 -9.47 6.09
N LEU B 357 -13.06 -8.88 7.20
CA LEU B 357 -12.72 -9.35 8.55
C LEU B 357 -13.14 -10.80 8.75
N ILE B 358 -14.40 -11.12 8.43
CA ILE B 358 -14.94 -12.47 8.62
C ILE B 358 -14.19 -13.48 7.77
N ARG B 359 -13.90 -13.13 6.51
CA ARG B 359 -13.11 -13.97 5.62
C ARG B 359 -11.72 -14.30 6.18
N TYR B 360 -11.01 -13.28 6.68
CA TYR B 360 -9.70 -13.49 7.31
C TYR B 360 -9.79 -14.42 8.52
N CYS B 361 -10.71 -14.11 9.45
CA CYS B 361 -10.87 -14.88 10.68
C CYS B 361 -11.21 -16.35 10.42
N VAL B 362 -12.17 -16.61 9.53
CA VAL B 362 -12.55 -17.98 9.20
C VAL B 362 -11.38 -18.74 8.56
N SER B 363 -10.66 -18.09 7.64
CA SER B 363 -9.52 -18.72 6.96
C SER B 363 -8.37 -19.05 7.92
N VAL B 364 -8.02 -18.13 8.82
CA VAL B 364 -6.95 -18.37 9.79
C VAL B 364 -7.32 -19.48 10.76
N CYS B 365 -8.53 -19.42 11.32
CA CYS B 365 -9.00 -20.44 12.27
C CYS B 365 -9.04 -21.83 11.65
N ASN B 366 -9.56 -21.94 10.43
CA ASN B 366 -9.63 -23.22 9.73
C ASN B 366 -8.23 -23.75 9.40
N GLN B 367 -7.32 -22.87 9.00
CA GLN B 367 -5.95 -23.27 8.69
C GLN B 367 -5.22 -23.82 9.91
N ILE B 368 -5.34 -23.16 11.06
CA ILE B 368 -4.70 -23.64 12.29
C ILE B 368 -5.32 -24.98 12.70
N ALA B 369 -6.67 -25.04 12.67
CA ALA B 369 -7.41 -26.26 13.00
C ALA B 369 -7.06 -27.44 12.10
N SER B 370 -6.92 -27.21 10.80
CA SER B 370 -6.49 -28.28 9.89
C SER B 370 -5.07 -28.76 10.21
N HIS B 371 -4.17 -27.84 10.55
CA HIS B 371 -2.81 -28.24 10.90
C HIS B 371 -2.76 -29.00 12.21
N LEU B 372 -3.50 -28.56 13.22
CA LEU B 372 -3.47 -29.26 14.50
C LEU B 372 -4.43 -30.45 14.59
N HIS B 373 -5.22 -30.70 13.54
CA HIS B 373 -6.23 -31.78 13.49
C HIS B 373 -7.26 -31.71 14.62
N ILE B 374 -7.65 -30.48 15.01
CA ILE B 374 -8.67 -30.24 16.03
C ILE B 374 -9.87 -29.57 15.34
N HIS B 375 -11.02 -29.63 16.01
CA HIS B 375 -12.21 -28.90 15.61
C HIS B 375 -12.32 -27.64 16.46
N VAL B 376 -12.70 -26.54 15.81
CA VAL B 376 -12.76 -25.22 16.43
C VAL B 376 -13.75 -25.18 17.60
N PHE B 377 -14.94 -25.79 17.45
CA PHE B 377 -15.97 -25.64 18.46
C PHE B 377 -16.37 -26.95 19.13
N ARG B 378 -15.58 -28.02 18.99
CA ARG B 378 -15.92 -29.31 19.59
C ARG B 378 -14.65 -29.96 20.12
N ILE B 379 -14.71 -30.44 21.36
CA ILE B 379 -13.66 -31.26 21.94
C ILE B 379 -13.92 -32.71 21.56
N LYS B 380 -12.90 -33.41 21.10
CA LYS B 380 -12.95 -34.87 20.98
C LYS B 380 -12.95 -35.53 22.35
#